data_3QSI
#
_entry.id   3QSI
#
_cell.length_a   147.379
_cell.length_b   79.400
_cell.length_c   122.423
_cell.angle_alpha   90.00
_cell.angle_beta   122.28
_cell.angle_gamma   90.00
#
_symmetry.space_group_name_H-M   'C 1 2 1'
#
loop_
_entity.id
_entity.type
_entity.pdbx_description
1 polymer 'NikR nickel-responsive regulator'
2 non-polymer 'NICKEL (II) ION'
3 non-polymer 'SULFATE ION'
#
_entity_poly.entity_id   1
_entity_poly.type   'polypeptide(L)'
_entity_poly.pdbx_seq_one_letter_code
;DESKIAVLVVIYDHHQRELNQRMIDIQHASGTHVLCTTHIHMDEHNCLETIILQGNSFEIQRLQLEIGGLRGVKFAKLTK
ASSFEYNE
;
_entity_poly.pdbx_strand_id   B,C,D,A,F,G,H,E,J,I
#
# COMPACT_ATOMS: atom_id res chain seq x y z
N LYS A 4 11.27 -4.33 -10.78
CA LYS A 4 10.57 -3.04 -10.65
C LYS A 4 10.75 -2.48 -9.23
N ILE A 5 10.03 -1.40 -8.92
CA ILE A 5 10.27 -0.55 -7.71
C ILE A 5 9.93 -1.12 -6.33
N ALA A 6 10.77 -0.80 -5.33
CA ALA A 6 10.67 -1.39 -3.97
C ALA A 6 11.30 -0.54 -2.87
N VAL A 7 10.92 -0.82 -1.62
CA VAL A 7 11.45 -0.12 -0.47
C VAL A 7 11.89 -1.16 0.56
N LEU A 8 13.12 -1.03 1.06
CA LEU A 8 13.61 -1.91 2.12
C LEU A 8 13.65 -1.14 3.42
N VAL A 9 12.83 -1.50 4.40
CA VAL A 9 12.84 -0.77 5.64
C VAL A 9 13.79 -1.46 6.59
N VAL A 10 14.87 -0.80 6.98
CA VAL A 10 15.86 -1.38 7.89
C VAL A 10 15.83 -0.67 9.25
N ILE A 11 15.84 -1.46 10.32
CA ILE A 11 16.13 -0.95 11.66
C ILE A 11 17.47 -1.53 12.14
N TYR A 12 18.41 -0.66 12.49
CA TYR A 12 19.73 -1.14 12.91
C TYR A 12 20.17 -0.47 14.20
N ASP A 13 21.36 -0.87 14.71
CA ASP A 13 21.79 -0.47 16.05
C ASP A 13 22.04 1.04 16.19
N HIS A 14 23.17 1.60 15.73
CA HIS A 14 23.51 3.03 15.99
C HIS A 14 24.83 3.05 16.75
N HIS A 15 24.86 2.24 17.81
CA HIS A 15 26.05 2.05 18.59
C HIS A 15 27.04 1.20 17.80
N GLN A 16 26.56 0.39 16.84
CA GLN A 16 27.44 -0.47 16.06
C GLN A 16 28.24 0.39 15.14
N ARG A 17 29.51 0.07 14.96
CA ARG A 17 30.42 0.96 14.26
C ARG A 17 30.79 0.38 12.90
N GLU A 18 31.11 1.28 11.97
CA GLU A 18 31.32 0.94 10.58
C GLU A 18 30.13 0.21 9.95
N LEU A 19 28.95 0.29 10.56
CA LEU A 19 27.77 -0.37 9.97
C LEU A 19 27.17 0.45 8.82
N ASN A 20 27.09 1.77 9.01
CA ASN A 20 26.63 2.66 7.96
C ASN A 20 27.52 2.62 6.78
N GLN A 21 28.82 2.68 7.04
CA GLN A 21 29.84 2.51 6.01
C GLN A 21 29.67 1.19 5.23
N ARG A 22 29.46 0.07 5.92
CA ARG A 22 29.21 -1.23 5.27
C ARG A 22 27.87 -1.28 4.50
N MET A 23 26.83 -0.62 5.01
CA MET A 23 25.58 -0.57 4.25
C MET A 23 25.78 0.23 2.97
N ILE A 24 26.30 1.45 3.07
CA ILE A 24 26.58 2.25 1.89
C ILE A 24 27.42 1.45 0.91
N ASP A 25 28.48 0.80 1.39
CA ASP A 25 29.31 -0.06 0.51
C ASP A 25 28.46 -1.07 -0.26
N ILE A 26 27.58 -1.78 0.42
CA ILE A 26 26.75 -2.79 -0.22
C ILE A 26 25.90 -2.21 -1.36
N GLN A 27 25.36 -1.01 -1.16
CA GLN A 27 24.37 -0.43 -2.06
C GLN A 27 25.04 0.06 -3.31
N HIS A 28 26.19 0.73 -3.17
CA HIS A 28 26.91 1.16 -4.37
C HIS A 28 27.28 -0.13 -5.14
N ALA A 29 27.65 -1.18 -4.39
CA ALA A 29 27.94 -2.49 -4.96
C ALA A 29 26.75 -3.15 -5.66
N SER A 30 25.57 -3.10 -5.03
CA SER A 30 24.40 -3.80 -5.56
C SER A 30 24.12 -3.51 -7.04
N GLY A 31 23.63 -4.53 -7.71
CA GLY A 31 23.14 -4.42 -9.08
C GLY A 31 21.83 -3.67 -9.16
N THR A 32 21.04 -3.66 -8.08
CA THR A 32 19.87 -2.79 -8.02
C THR A 32 20.36 -1.36 -8.16
N HIS A 33 19.44 -0.48 -8.55
CA HIS A 33 19.68 0.97 -8.58
C HIS A 33 19.03 1.59 -7.34
N VAL A 34 19.83 1.99 -6.36
CA VAL A 34 19.26 2.55 -5.17
C VAL A 34 19.07 4.03 -5.31
N LEU A 35 17.82 4.43 -5.49
CA LEU A 35 17.48 5.80 -5.79
C LEU A 35 17.90 6.73 -4.64
N CYS A 36 17.50 6.38 -3.40
CA CYS A 36 17.91 7.16 -2.22
C CYS A 36 17.58 6.44 -0.92
N THR A 37 18.24 6.85 0.15
CA THR A 37 17.96 6.30 1.47
C THR A 37 17.82 7.46 2.48
N THR A 38 16.78 7.34 3.32
CA THR A 38 16.53 8.27 4.39
C THR A 38 16.68 7.57 5.72
N HIS A 39 17.31 8.24 6.69
CA HIS A 39 17.50 7.72 8.05
C HIS A 39 16.93 8.71 9.03
N ILE A 40 16.25 8.21 10.05
CA ILE A 40 15.90 9.01 11.19
C ILE A 40 16.45 8.35 12.45
N HIS A 41 16.47 9.11 13.54
CA HIS A 41 16.80 8.54 14.85
C HIS A 41 15.51 8.10 15.53
N MET A 42 15.38 6.79 15.75
CA MET A 42 14.19 6.17 16.35
C MET A 42 14.16 6.49 17.83
N ASP A 43 15.24 6.15 18.51
CA ASP A 43 15.46 6.52 19.92
C ASP A 43 16.98 6.72 20.17
N GLU A 44 17.44 6.59 21.42
CA GLU A 44 18.87 6.69 21.75
C GLU A 44 19.67 5.55 21.13
N HIS A 45 19.08 4.36 21.11
CA HIS A 45 19.80 3.15 20.75
C HIS A 45 19.53 2.61 19.35
N ASN A 46 18.49 3.12 18.67
CA ASN A 46 18.01 2.55 17.39
C ASN A 46 17.81 3.53 16.23
N CYS A 47 18.07 3.05 15.02
CA CYS A 47 17.96 3.86 13.82
C CYS A 47 17.04 3.20 12.79
N LEU A 48 16.22 4.01 12.12
CA LEU A 48 15.30 3.55 11.10
C LEU A 48 15.72 4.15 9.77
N GLU A 49 15.96 3.28 8.79
CA GLU A 49 16.46 3.66 7.48
C GLU A 49 15.61 3.04 6.40
N THR A 50 15.19 3.84 5.43
CA THR A 50 14.19 3.45 4.45
C THR A 50 14.87 3.55 3.09
N ILE A 51 15.23 2.44 2.49
CA ILE A 51 15.92 2.46 1.20
C ILE A 51 14.97 2.28 0.01
N ILE A 52 15.02 3.16 -0.98
CA ILE A 52 14.16 3.05 -2.14
C ILE A 52 14.99 2.71 -3.34
N LEU A 53 14.66 1.59 -3.99
CA LEU A 53 15.52 1.01 -5.02
C LEU A 53 14.69 0.45 -6.16
N GLN A 54 15.32 0.31 -7.33
CA GLN A 54 14.69 -0.27 -8.51
C GLN A 54 15.52 -1.45 -8.91
N GLY A 55 14.91 -2.49 -9.47
CA GLY A 55 15.69 -3.63 -9.99
C GLY A 55 14.92 -4.92 -10.10
N ASN A 56 15.60 -5.99 -10.53
CA ASN A 56 14.96 -7.31 -10.68
C ASN A 56 14.86 -8.01 -9.35
N SER A 57 13.98 -8.99 -9.26
CA SER A 57 13.60 -9.57 -7.99
C SER A 57 14.72 -10.35 -7.29
N PHE A 58 15.69 -10.85 -8.07
CA PHE A 58 16.85 -11.54 -7.48
C PHE A 58 17.78 -10.51 -6.83
N GLU A 59 18.12 -9.46 -7.59
CA GLU A 59 19.00 -8.38 -7.10
C GLU A 59 18.50 -7.69 -5.83
N ILE A 60 17.18 -7.51 -5.75
CA ILE A 60 16.54 -6.96 -4.57
C ILE A 60 16.63 -7.98 -3.46
N GLN A 61 16.12 -9.20 -3.69
CA GLN A 61 16.15 -10.25 -2.64
C GLN A 61 17.57 -10.40 -2.07
N ARG A 62 18.58 -10.34 -2.96
CA ARG A 62 19.96 -10.46 -2.52
C ARG A 62 20.33 -9.28 -1.64
N LEU A 63 20.10 -8.05 -2.14
CA LEU A 63 20.41 -6.84 -1.36
C LEU A 63 19.74 -6.87 0.02
N GLN A 64 18.57 -7.50 0.14
CA GLN A 64 17.92 -7.63 1.44
C GLN A 64 18.72 -8.59 2.36
N LEU A 65 19.07 -9.78 1.86
CA LEU A 65 19.77 -10.78 2.71
C LEU A 65 21.13 -10.27 3.17
N GLU A 66 21.80 -9.58 2.25
CA GLU A 66 23.05 -8.88 2.51
C GLU A 66 22.97 -7.89 3.65
N ILE A 67 22.01 -6.99 3.59
CA ILE A 67 21.87 -5.95 4.63
C ILE A 67 21.43 -6.56 5.95
N GLY A 68 20.43 -7.43 5.88
CA GLY A 68 19.87 -8.04 7.05
C GLY A 68 20.86 -8.90 7.77
N GLY A 69 21.81 -9.44 6.99
CA GLY A 69 22.95 -10.24 7.50
C GLY A 69 24.00 -9.48 8.30
N LEU A 70 24.10 -8.18 8.07
CA LEU A 70 25.06 -7.37 8.79
C LEU A 70 24.73 -7.40 10.29
N ARG A 71 25.76 -7.40 11.12
CA ARG A 71 25.59 -7.43 12.58
C ARG A 71 25.26 -6.03 13.09
N GLY A 72 24.17 -5.95 13.83
CA GLY A 72 23.64 -4.66 14.23
C GLY A 72 22.38 -4.31 13.49
N VAL A 73 22.17 -4.87 12.28
CA VAL A 73 20.87 -4.76 11.59
C VAL A 73 19.88 -5.69 12.29
N LYS A 74 18.96 -5.07 13.01
CA LYS A 74 18.01 -5.80 13.81
C LYS A 74 16.89 -6.36 12.95
N PHE A 75 16.68 -5.81 11.73
CA PHE A 75 15.39 -5.97 11.01
C PHE A 75 15.45 -5.37 9.61
N ALA A 76 15.11 -6.15 8.59
CA ALA A 76 15.13 -5.63 7.23
C ALA A 76 13.95 -6.14 6.41
N LYS A 77 12.77 -5.57 6.61
CA LYS A 77 11.59 -5.93 5.83
C LYS A 77 11.63 -5.29 4.41
N LEU A 78 10.85 -5.84 3.48
CA LEU A 78 10.86 -5.39 2.08
C LEU A 78 9.46 -5.26 1.52
N THR A 79 9.13 -4.09 0.97
CA THR A 79 7.91 -3.86 0.20
C THR A 79 8.24 -3.79 -1.31
N LYS A 80 7.46 -4.49 -2.14
CA LYS A 80 7.75 -4.54 -3.56
C LYS A 80 6.44 -4.27 -4.31
N ALA A 81 6.50 -3.48 -5.39
CA ALA A 81 5.33 -3.14 -6.21
C ALA A 81 5.58 -3.34 -7.70
N SER A 82 4.63 -3.92 -8.41
CA SER A 82 4.87 -4.13 -9.82
C SER A 82 4.07 -3.20 -10.77
N SER A 83 2.74 -3.26 -10.86
CA SER A 83 2.13 -2.49 -11.96
C SER A 83 0.60 -2.34 -12.06
N PHE A 84 0.24 -1.28 -12.81
CA PHE A 84 -0.72 -1.36 -13.95
C PHE A 84 0.14 -1.26 -15.25
N SER B 3 3.47 3.43 22.09
CA SER B 3 3.56 4.26 20.84
C SER B 3 4.71 3.83 19.88
N LYS B 4 4.35 2.93 18.95
CA LYS B 4 5.30 2.25 18.03
C LYS B 4 5.67 3.10 16.79
N ILE B 5 6.51 2.56 15.93
CA ILE B 5 6.87 3.22 14.66
C ILE B 5 6.61 2.35 13.43
N ALA B 6 6.19 2.99 12.34
CA ALA B 6 5.99 2.28 11.10
C ALA B 6 6.21 3.14 9.88
N VAL B 7 6.58 2.48 8.79
CA VAL B 7 6.68 3.11 7.51
C VAL B 7 5.46 2.79 6.70
N LEU B 8 4.95 3.75 5.94
CA LEU B 8 3.82 3.55 5.01
C LEU B 8 4.28 3.93 3.58
N VAL B 9 4.30 2.94 2.71
CA VAL B 9 4.77 3.09 1.34
C VAL B 9 3.55 3.29 0.45
N VAL B 10 3.42 4.45 -0.17
CA VAL B 10 2.25 4.71 -1.01
C VAL B 10 2.66 5.05 -2.45
N ILE B 11 1.96 4.51 -3.44
CA ILE B 11 2.11 4.99 -4.81
C ILE B 11 0.79 5.57 -5.19
N TYR B 12 0.84 6.76 -5.77
CA TYR B 12 -0.38 7.47 -6.18
C TYR B 12 -0.18 8.36 -7.41
N ASP B 13 -1.30 8.76 -8.00
CA ASP B 13 -1.31 9.67 -9.11
C ASP B 13 -1.47 11.09 -8.57
N HIS B 14 -0.49 11.95 -8.81
CA HIS B 14 -0.52 13.28 -8.25
C HIS B 14 -1.49 14.15 -8.96
N HIS B 15 -1.94 13.74 -10.14
CA HIS B 15 -2.94 14.47 -10.91
C HIS B 15 -4.37 14.38 -10.34
N GLN B 16 -4.67 13.36 -9.55
CA GLN B 16 -5.93 13.31 -8.84
C GLN B 16 -5.85 14.42 -7.86
N ARG B 17 -6.34 15.59 -8.27
CA ARG B 17 -6.30 16.74 -7.38
C ARG B 17 -7.25 16.44 -6.25
N GLU B 18 -7.03 17.13 -5.14
CA GLU B 18 -7.64 16.76 -3.85
C GLU B 18 -6.73 15.68 -3.14
N LEU B 19 -6.17 14.71 -3.87
CA LEU B 19 -5.54 13.56 -3.22
C LEU B 19 -4.51 13.99 -2.22
N ASN B 20 -3.51 14.72 -2.70
CA ASN B 20 -2.36 15.00 -1.86
C ASN B 20 -2.77 15.69 -0.59
N GLN B 21 -3.53 16.76 -0.74
CA GLN B 21 -4.00 17.50 0.41
C GLN B 21 -4.89 16.61 1.31
N ARG B 22 -5.68 15.72 0.73
CA ARG B 22 -6.53 14.85 1.53
C ARG B 22 -5.73 13.94 2.45
N MET B 23 -4.65 13.39 1.94
CA MET B 23 -3.77 12.57 2.77
C MET B 23 -3.18 13.41 3.90
N ILE B 24 -2.72 14.61 3.59
CA ILE B 24 -2.17 15.52 4.60
C ILE B 24 -3.21 15.69 5.71
N ASP B 25 -4.47 15.87 5.32
CA ASP B 25 -5.56 15.95 6.27
C ASP B 25 -5.81 14.66 7.01
N ILE B 26 -5.79 13.51 6.30
CA ILE B 26 -6.04 12.26 6.98
C ILE B 26 -4.99 12.04 8.05
N GLN B 27 -3.71 12.35 7.73
CA GLN B 27 -2.57 12.18 8.67
C GLN B 27 -2.55 13.16 9.85
N HIS B 28 -3.06 14.37 9.66
CA HIS B 28 -3.14 15.28 10.77
C HIS B 28 -4.18 14.78 11.75
N ALA B 29 -5.36 14.48 11.20
CA ALA B 29 -6.44 13.85 11.95
C ALA B 29 -5.87 12.64 12.66
N SER B 30 -5.29 11.74 11.89
CA SER B 30 -4.91 10.43 12.38
C SER B 30 -4.61 10.32 13.87
N GLY B 31 -3.83 11.26 14.40
CA GLY B 31 -3.29 11.08 15.72
C GLY B 31 -2.16 10.08 15.70
N THR B 32 -1.62 9.86 14.52
CA THR B 32 -0.28 9.39 14.36
C THR B 32 0.50 10.64 13.86
N HIS B 33 1.70 10.84 14.40
CA HIS B 33 2.58 11.96 14.00
C HIS B 33 3.43 11.43 12.82
N VAL B 34 3.51 12.16 11.71
CA VAL B 34 4.45 11.76 10.66
C VAL B 34 5.86 12.29 10.93
N LEU B 35 6.72 11.38 11.35
CA LEU B 35 8.07 11.76 11.69
C LEU B 35 8.71 12.45 10.48
N CYS B 36 8.76 11.77 9.34
CA CYS B 36 9.31 12.42 8.16
C CYS B 36 8.83 11.67 6.99
N THR B 37 9.01 12.21 5.77
CA THR B 37 8.57 11.50 4.54
C THR B 37 9.43 11.80 3.29
N THR B 38 9.61 10.77 2.46
CA THR B 38 10.45 10.88 1.28
C THR B 38 9.64 10.52 0.07
N HIS B 39 9.65 11.40 -0.93
CA HIS B 39 8.81 11.30 -2.13
C HIS B 39 9.75 11.09 -3.32
N ILE B 40 9.33 10.22 -4.24
CA ILE B 40 10.01 9.95 -5.48
C ILE B 40 9.02 10.16 -6.64
N HIS B 41 9.30 11.07 -7.58
CA HIS B 41 8.43 11.28 -8.74
C HIS B 41 8.81 10.22 -9.75
N MET B 42 8.05 9.14 -9.77
CA MET B 42 8.39 8.03 -10.63
C MET B 42 8.25 8.45 -12.09
N ASP B 43 7.07 8.96 -12.46
CA ASP B 43 6.84 9.46 -13.82
C ASP B 43 5.65 10.42 -13.81
N GLU B 44 5.20 10.84 -14.99
CA GLU B 44 4.12 11.81 -15.13
C GLU B 44 2.94 11.59 -14.18
N HIS B 45 2.62 10.34 -13.92
CA HIS B 45 1.41 10.04 -13.20
C HIS B 45 1.61 9.16 -11.97
N ASN B 46 2.80 9.13 -11.39
CA ASN B 46 3.03 8.20 -10.28
C ASN B 46 4.04 8.66 -9.26
N CYS B 47 3.63 8.74 -8.01
CA CYS B 47 4.56 9.11 -6.99
C CYS B 47 4.66 7.99 -6.05
N LEU B 48 5.82 7.85 -5.44
CA LEU B 48 6.02 6.94 -4.34
C LEU B 48 6.42 7.76 -3.14
N GLU B 49 5.60 7.70 -2.11
CA GLU B 49 5.98 8.25 -0.83
C GLU B 49 6.34 7.11 0.16
N THR B 50 7.45 7.26 0.89
CA THR B 50 7.64 6.52 2.10
C THR B 50 7.40 7.48 3.24
N ILE B 51 6.46 7.10 4.09
CA ILE B 51 6.03 7.91 5.20
C ILE B 51 6.38 7.24 6.51
N ILE B 52 7.41 7.72 7.15
CA ILE B 52 7.79 7.22 8.44
C ILE B 52 6.91 7.92 9.48
N LEU B 53 6.13 7.13 10.24
CA LEU B 53 5.21 7.69 11.22
C LEU B 53 5.19 6.93 12.56
N GLN B 54 4.59 7.54 13.58
CA GLN B 54 4.66 7.04 14.94
C GLN B 54 3.35 7.30 15.68
N GLY B 55 2.86 6.30 16.41
CA GLY B 55 1.59 6.37 17.18
C GLY B 55 1.17 5.01 17.70
N ASN B 56 -0.02 4.91 18.28
CA ASN B 56 -0.53 3.61 18.76
C ASN B 56 -0.88 2.70 17.59
N SER B 57 -0.72 1.39 17.76
CA SER B 57 -0.83 0.47 16.62
C SER B 57 -2.23 0.42 15.98
N PHE B 58 -3.23 0.90 16.70
CA PHE B 58 -4.57 1.02 16.14
C PHE B 58 -4.66 2.21 15.18
N GLU B 59 -4.13 3.35 15.58
CA GLU B 59 -4.16 4.50 14.70
C GLU B 59 -3.34 4.27 13.44
N ILE B 60 -2.28 3.48 13.53
CA ILE B 60 -1.49 3.13 12.36
C ILE B 60 -2.28 2.18 11.42
N GLN B 61 -2.73 1.05 11.93
CA GLN B 61 -3.72 0.19 11.24
C GLN B 61 -4.81 0.98 10.46
N ARG B 62 -5.25 2.07 11.06
CA ARG B 62 -6.36 2.87 10.54
C ARG B 62 -5.92 3.78 9.41
N LEU B 63 -4.74 4.35 9.56
CA LEU B 63 -4.26 5.28 8.56
C LEU B 63 -4.10 4.54 7.24
N GLN B 64 -3.54 3.32 7.29
CA GLN B 64 -3.45 2.48 6.10
C GLN B 64 -4.87 2.27 5.57
N LEU B 65 -5.77 1.81 6.44
CA LEU B 65 -7.17 1.57 6.06
C LEU B 65 -7.74 2.73 5.30
N GLU B 66 -7.57 3.95 5.83
CA GLU B 66 -8.06 5.18 5.18
C GLU B 66 -7.38 5.58 3.90
N ILE B 67 -6.05 5.61 3.91
CA ILE B 67 -5.29 6.03 2.73
C ILE B 67 -5.49 5.08 1.57
N GLY B 68 -5.46 3.79 1.86
CA GLY B 68 -5.44 2.79 0.79
C GLY B 68 -6.64 2.86 -0.13
N GLY B 69 -7.77 3.25 0.45
CA GLY B 69 -9.04 3.29 -0.28
C GLY B 69 -9.32 4.54 -1.10
N LEU B 70 -8.41 5.51 -1.09
CA LEU B 70 -8.67 6.81 -1.72
C LEU B 70 -8.56 6.76 -3.24
N ARG B 71 -9.42 7.52 -3.90
CA ARG B 71 -9.35 7.70 -5.35
C ARG B 71 -8.00 8.34 -5.65
N GLY B 72 -7.22 7.68 -6.51
CA GLY B 72 -5.86 8.11 -6.87
C GLY B 72 -4.69 7.36 -6.21
N VAL B 73 -4.96 6.66 -5.11
CA VAL B 73 -3.96 5.78 -4.51
C VAL B 73 -3.96 4.40 -5.15
N LYS B 74 -2.84 4.05 -5.78
CA LYS B 74 -2.71 2.81 -6.50
C LYS B 74 -2.19 1.68 -5.58
N PHE B 75 -1.39 2.04 -4.58
CA PHE B 75 -0.69 1.06 -3.72
C PHE B 75 -0.41 1.59 -2.35
N ALA B 76 -0.64 0.80 -1.30
CA ALA B 76 -0.37 1.29 0.05
C ALA B 76 -0.14 0.16 1.05
N LYS B 77 1.14 -0.14 1.33
CA LYS B 77 1.51 -1.16 2.30
C LYS B 77 2.23 -0.57 3.50
N LEU B 78 1.86 -1.10 4.66
CA LEU B 78 2.28 -0.66 5.98
C LEU B 78 3.32 -1.64 6.46
N THR B 79 4.38 -1.14 7.11
CA THR B 79 5.43 -1.96 7.69
C THR B 79 5.54 -1.61 9.16
N LYS B 80 5.21 -2.56 10.03
CA LYS B 80 5.29 -2.34 11.47
C LYS B 80 6.72 -2.54 11.96
N ALA B 81 7.18 -1.69 12.88
CA ALA B 81 8.47 -1.90 13.54
C ALA B 81 8.23 -2.57 14.89
N SER B 82 8.26 -3.90 14.91
CA SER B 82 7.96 -4.65 16.12
C SER B 82 8.66 -6.02 16.17
N LYS C 4 24.25 19.87 -13.92
CA LYS C 4 24.86 19.03 -12.85
C LYS C 4 24.10 19.06 -11.51
N ILE C 5 24.55 18.34 -10.48
CA ILE C 5 23.74 18.08 -9.26
C ILE C 5 23.55 19.25 -8.25
N ALA C 6 22.36 19.33 -7.65
CA ALA C 6 22.01 20.41 -6.72
C ALA C 6 20.91 20.06 -5.71
N VAL C 7 20.77 20.90 -4.69
CA VAL C 7 19.78 20.71 -3.65
C VAL C 7 19.05 22.01 -3.43
N LEU C 8 17.73 21.96 -3.42
CA LEU C 8 16.93 23.12 -3.09
C LEU C 8 16.31 22.94 -1.71
N VAL C 9 16.74 23.75 -0.74
CA VAL C 9 16.15 23.66 0.59
C VAL C 9 14.97 24.61 0.67
N VAL C 10 13.78 24.07 0.91
CA VAL C 10 12.56 24.89 0.99
C VAL C 10 11.96 24.85 2.38
N ILE C 11 11.63 26.01 2.92
CA ILE C 11 10.83 26.10 4.13
C ILE C 11 9.51 26.73 3.76
N TYR C 12 8.41 26.03 4.06
CA TYR C 12 7.08 26.47 3.70
C TYR C 12 6.10 26.33 4.85
N ASP C 13 4.86 26.81 4.64
CA ASP C 13 3.89 27.01 5.71
C ASP C 13 3.46 25.71 6.37
N HIS C 14 2.55 24.94 5.79
CA HIS C 14 2.04 23.72 6.48
C HIS C 14 0.57 23.89 6.62
N HIS C 15 0.19 25.07 7.10
CA HIS C 15 -1.21 25.46 7.18
C HIS C 15 -1.76 25.82 5.82
N GLN C 16 -0.88 26.16 4.87
CA GLN C 16 -1.29 26.51 3.52
C GLN C 16 -1.72 25.26 2.83
N ARG C 17 -2.81 25.34 2.07
CA ARG C 17 -3.45 24.15 1.52
C ARG C 17 -3.21 24.08 0.03
N GLU C 18 -3.22 22.86 -0.49
CA GLU C 18 -2.84 22.59 -1.88
C GLU C 18 -1.45 23.10 -2.25
N LEU C 19 -0.59 23.38 -1.27
CA LEU C 19 0.78 23.84 -1.55
C LEU C 19 1.71 22.69 -1.92
N ASN C 20 1.60 21.58 -1.20
CA ASN C 20 2.38 20.41 -1.49
C ASN C 20 1.98 19.82 -2.81
N GLN C 21 0.68 19.79 -3.08
CA GLN C 21 0.14 19.41 -4.40
C GLN C 21 0.64 20.28 -5.55
N ARG C 22 0.72 21.59 -5.34
CA ARG C 22 1.34 22.50 -6.32
C ARG C 22 2.85 22.32 -6.46
N MET C 23 3.56 22.05 -5.37
CA MET C 23 4.99 21.78 -5.47
C MET C 23 5.23 20.50 -6.28
N ILE C 24 4.66 19.38 -5.84
CA ILE C 24 4.78 18.14 -6.59
C ILE C 24 4.53 18.42 -8.07
N ASP C 25 3.38 19.04 -8.38
CA ASP C 25 3.00 19.39 -9.77
C ASP C 25 4.14 20.06 -10.56
N ILE C 26 4.81 21.02 -9.92
CA ILE C 26 5.88 21.77 -10.57
C ILE C 26 7.04 20.84 -10.98
N GLN C 27 7.38 19.94 -10.08
CA GLN C 27 8.60 19.15 -10.20
C GLN C 27 8.42 18.10 -11.29
N HIS C 28 7.24 17.48 -11.31
CA HIS C 28 6.98 16.49 -12.32
C HIS C 28 7.13 17.25 -13.58
N ALA C 29 6.57 18.46 -13.59
CA ALA C 29 6.63 19.38 -14.73
C ALA C 29 8.04 19.78 -15.11
N SER C 30 8.88 20.12 -14.13
CA SER C 30 10.22 20.63 -14.42
C SER C 30 11.03 19.75 -15.37
N GLY C 31 11.83 20.46 -16.18
CA GLY C 31 12.77 19.84 -17.07
C GLY C 31 13.87 19.18 -16.26
N THR C 32 14.20 19.75 -15.09
CA THR C 32 15.18 19.14 -14.20
C THR C 32 14.70 17.74 -13.86
N HIS C 33 15.64 16.87 -13.45
CA HIS C 33 15.31 15.52 -13.01
C HIS C 33 15.33 15.56 -11.50
N VAL C 34 14.18 15.52 -10.84
CA VAL C 34 14.16 15.57 -9.38
C VAL C 34 14.27 14.14 -8.85
N LEU C 35 15.45 13.82 -8.31
CA LEU C 35 15.75 12.47 -7.79
C LEU C 35 14.83 12.11 -6.59
N CYS C 36 14.76 12.99 -5.59
CA CYS C 36 13.85 12.77 -4.49
C CYS C 36 13.71 13.97 -3.60
N THR C 37 12.64 14.01 -2.82
CA THR C 37 12.47 15.09 -1.86
C THR C 37 12.08 14.52 -0.48
N THR C 38 12.73 15.03 0.58
CA THR C 38 12.42 14.63 1.92
C THR C 38 11.84 15.83 2.67
N HIS C 39 10.83 15.58 3.48
CA HIS C 39 10.20 16.62 4.30
C HIS C 39 10.29 16.20 5.73
N ILE C 40 10.50 17.15 6.62
CA ILE C 40 10.32 16.92 8.05
C ILE C 40 9.42 18.00 8.59
N HIS C 41 8.88 17.77 9.78
CA HIS C 41 8.13 18.82 10.47
C HIS C 41 9.09 19.64 11.32
N MET C 42 9.21 20.93 11.03
CA MET C 42 10.14 21.82 11.72
C MET C 42 9.54 22.18 13.08
N ASP C 43 8.30 22.65 13.09
CA ASP C 43 7.54 22.88 14.31
C ASP C 43 6.04 22.66 14.05
N GLU C 44 5.16 23.32 14.80
CA GLU C 44 3.71 23.25 14.54
C GLU C 44 3.29 23.98 13.26
N HIS C 45 3.96 25.09 12.99
CA HIS C 45 3.57 25.95 11.88
C HIS C 45 4.44 25.81 10.60
N ASN C 46 5.61 25.16 10.66
CA ASN C 46 6.59 25.19 9.55
C ASN C 46 7.13 23.86 9.07
N CYS C 47 7.42 23.75 7.77
CA CYS C 47 7.88 22.49 7.20
C CYS C 47 9.17 22.71 6.45
N LEU C 48 10.08 21.76 6.51
CA LEU C 48 11.37 21.86 5.83
C LEU C 48 11.44 20.75 4.85
N GLU C 49 11.72 21.10 3.61
CA GLU C 49 11.76 20.14 2.53
C GLU C 49 13.05 20.33 1.75
N THR C 50 13.71 19.21 1.49
CA THR C 50 15.02 19.21 0.88
C THR C 50 14.94 18.49 -0.49
N ILE C 51 14.97 19.23 -1.59
CA ILE C 51 14.79 18.61 -2.90
C ILE C 51 16.14 18.40 -3.51
N ILE C 52 16.37 17.20 -4.02
CA ILE C 52 17.62 16.87 -4.71
C ILE C 52 17.30 16.63 -6.18
N LEU C 53 18.00 17.34 -7.06
CA LEU C 53 17.72 17.35 -8.47
C LEU C 53 18.97 17.48 -9.33
N GLN C 54 18.87 17.02 -10.56
CA GLN C 54 19.96 17.10 -11.51
C GLN C 54 19.43 17.91 -12.68
N GLY C 55 20.30 18.69 -13.33
CA GLY C 55 19.94 19.44 -14.53
C GLY C 55 20.82 20.62 -14.91
N ASN C 56 20.43 21.33 -15.98
CA ASN C 56 21.19 22.52 -16.42
C ASN C 56 20.80 23.75 -15.63
N SER C 57 21.70 24.72 -15.58
CA SER C 57 21.59 25.82 -14.62
C SER C 57 20.38 26.71 -14.81
N PHE C 58 19.82 26.77 -16.02
CA PHE C 58 18.61 27.53 -16.27
C PHE C 58 17.43 26.76 -15.67
N GLU C 59 17.34 25.46 -15.96
CA GLU C 59 16.24 24.62 -15.48
C GLU C 59 16.14 24.59 -13.97
N ILE C 60 17.29 24.56 -13.32
CA ILE C 60 17.36 24.62 -11.86
C ILE C 60 16.94 26.02 -11.41
N GLN C 61 17.60 27.05 -11.90
CA GLN C 61 17.26 28.43 -11.54
C GLN C 61 15.77 28.67 -11.75
N ARG C 62 15.17 28.12 -12.80
CA ARG C 62 13.74 28.29 -13.01
C ARG C 62 12.98 27.60 -11.87
N LEU C 63 13.23 26.31 -11.66
CA LEU C 63 12.52 25.54 -10.62
C LEU C 63 12.57 26.20 -9.27
N GLN C 64 13.66 26.90 -9.00
CA GLN C 64 13.77 27.62 -7.75
C GLN C 64 12.74 28.76 -7.74
N LEU C 65 12.75 29.61 -8.75
CA LEU C 65 11.91 30.80 -8.74
C LEU C 65 10.44 30.39 -8.66
N GLU C 66 10.09 29.34 -9.41
CA GLU C 66 8.76 28.74 -9.42
C GLU C 66 8.31 28.33 -8.03
N ILE C 67 9.15 27.59 -7.33
CA ILE C 67 8.78 27.11 -6.01
C ILE C 67 8.76 28.24 -5.00
N GLY C 68 9.74 29.12 -5.06
CA GLY C 68 9.83 30.23 -4.11
C GLY C 68 8.71 31.23 -4.28
N GLY C 69 8.19 31.28 -5.50
CA GLY C 69 7.04 32.10 -5.85
C GLY C 69 5.73 31.69 -5.25
N LEU C 70 5.59 30.40 -5.00
CA LEU C 70 4.34 29.88 -4.42
C LEU C 70 4.02 30.55 -3.08
N ARG C 71 2.74 30.73 -2.82
CA ARG C 71 2.32 31.40 -1.60
C ARG C 71 2.30 30.41 -0.47
N GLY C 72 3.03 30.74 0.58
CA GLY C 72 3.28 29.84 1.69
C GLY C 72 4.72 29.37 1.75
N VAL C 73 5.44 29.39 0.62
CA VAL C 73 6.87 29.07 0.61
C VAL C 73 7.55 30.29 1.16
N LYS C 74 8.10 30.13 2.36
CA LYS C 74 8.75 31.22 3.06
C LYS C 74 10.16 31.49 2.54
N PHE C 75 10.77 30.49 1.91
CA PHE C 75 12.21 30.47 1.76
C PHE C 75 12.66 29.33 0.87
N ALA C 76 13.45 29.61 -0.15
CA ALA C 76 13.93 28.55 -1.02
C ALA C 76 15.36 28.80 -1.45
N LYS C 77 16.32 28.38 -0.62
CA LYS C 77 17.72 28.49 -0.96
C LYS C 77 18.18 27.30 -1.86
N LEU C 78 19.30 27.50 -2.56
CA LEU C 78 19.80 26.51 -3.50
C LEU C 78 21.29 26.27 -3.36
N THR C 79 21.67 25.00 -3.25
CA THR C 79 23.08 24.58 -3.29
C THR C 79 23.37 23.85 -4.61
N LYS C 80 24.47 24.21 -5.28
CA LYS C 80 24.81 23.65 -6.59
C LYS C 80 26.29 23.18 -6.61
N ALA C 81 26.56 22.03 -7.21
CA ALA C 81 27.93 21.49 -7.29
C ALA C 81 28.30 21.00 -8.71
N SER C 82 29.52 21.28 -9.17
CA SER C 82 30.00 20.86 -10.53
C SER C 82 30.43 19.38 -10.58
N GLU D 2 18.04 30.97 20.17
CA GLU D 2 17.74 29.69 20.88
C GLU D 2 18.40 28.51 20.15
N SER D 3 17.57 27.59 19.68
CA SER D 3 18.05 26.38 19.02
C SER D 3 17.45 26.26 17.59
N LYS D 4 18.20 26.78 16.60
CA LYS D 4 17.79 26.93 15.20
C LYS D 4 17.90 25.61 14.40
N ILE D 5 17.48 25.61 13.13
CA ILE D 5 17.62 24.45 12.25
C ILE D 5 18.40 24.76 10.97
N ALA D 6 19.12 23.77 10.47
CA ALA D 6 19.85 23.93 9.20
C ALA D 6 20.07 22.61 8.47
N VAL D 7 20.21 22.74 7.18
CA VAL D 7 20.55 21.62 6.34
C VAL D 7 22.02 21.71 5.95
N LEU D 8 22.70 20.57 5.93
CA LEU D 8 24.10 20.52 5.56
C LEU D 8 24.26 19.58 4.43
N VAL D 9 24.63 20.10 3.28
CA VAL D 9 24.75 19.30 2.09
C VAL D 9 26.20 18.91 1.91
N VAL D 10 26.46 17.60 1.86
CA VAL D 10 27.82 17.06 1.69
C VAL D 10 27.91 16.16 0.45
N ILE D 11 29.02 16.32 -0.28
CA ILE D 11 29.43 15.31 -1.26
C ILE D 11 30.80 14.73 -0.82
N TYR D 12 30.85 13.40 -0.77
CA TYR D 12 32.05 12.72 -0.32
C TYR D 12 32.28 11.36 -0.97
N ASP D 13 33.52 10.89 -0.90
CA ASP D 13 33.87 9.59 -1.45
C ASP D 13 33.72 8.54 -0.38
N HIS D 14 32.85 7.56 -0.61
CA HIS D 14 32.52 6.60 0.43
C HIS D 14 33.60 5.58 0.54
N HIS D 15 34.53 5.57 -0.42
CA HIS D 15 35.72 4.69 -0.36
C HIS D 15 36.83 5.15 0.60
N GLN D 16 36.81 6.43 0.97
CA GLN D 16 37.65 6.90 2.07
C GLN D 16 37.08 6.28 3.32
N ARG D 17 37.55 5.07 3.63
CA ARG D 17 37.07 4.37 4.83
C ARG D 17 37.56 5.18 6.04
N GLU D 18 36.85 5.01 7.15
CA GLU D 18 36.92 5.91 8.27
C GLU D 18 35.96 7.10 8.02
N LEU D 19 35.87 7.63 6.79
CA LEU D 19 35.14 8.91 6.61
C LEU D 19 33.76 8.85 7.16
N ASN D 20 32.98 7.88 6.72
CA ASN D 20 31.59 7.89 7.11
C ASN D 20 31.44 7.85 8.62
N GLN D 21 32.15 6.90 9.23
CA GLN D 21 32.09 6.75 10.65
C GLN D 21 32.59 7.99 11.37
N ARG D 22 33.62 8.64 10.84
CA ARG D 22 34.13 9.87 11.47
C ARG D 22 33.08 10.99 11.56
N MET D 23 32.31 11.17 10.49
CA MET D 23 31.27 12.16 10.47
C MET D 23 30.21 11.82 11.48
N ILE D 24 29.85 10.55 11.59
CA ILE D 24 28.88 10.10 12.58
C ILE D 24 29.38 10.52 13.94
N ASP D 25 30.67 10.35 14.17
CA ASP D 25 31.29 10.75 15.41
C ASP D 25 31.30 12.25 15.60
N ILE D 26 31.63 12.99 14.53
CA ILE D 26 31.71 14.43 14.67
C ILE D 26 30.35 14.90 15.07
N GLN D 27 29.29 14.39 14.44
CA GLN D 27 27.90 14.84 14.69
C GLN D 27 27.38 14.47 16.08
N HIS D 28 27.82 13.33 16.60
CA HIS D 28 27.41 12.95 17.95
C HIS D 28 28.01 13.93 18.96
N ALA D 29 29.35 14.05 18.90
CA ALA D 29 30.08 15.05 19.66
C ALA D 29 29.42 16.40 19.48
N SER D 30 29.27 16.83 18.23
CA SER D 30 28.82 18.19 17.91
C SER D 30 27.93 18.84 18.96
N GLY D 31 26.93 18.15 19.47
CA GLY D 31 25.95 18.86 20.28
C GLY D 31 25.09 19.70 19.37
N THR D 32 24.99 19.28 18.12
CA THR D 32 23.85 19.49 17.29
C THR D 32 23.22 18.11 17.09
N HIS D 33 21.89 18.03 17.17
CA HIS D 33 21.18 16.76 17.00
C HIS D 33 20.75 16.64 15.50
N VAL D 34 21.09 15.53 14.85
CA VAL D 34 20.70 15.35 13.45
C VAL D 34 19.28 14.81 13.37
N LEU D 35 18.33 15.68 13.00
CA LEU D 35 16.92 15.33 12.92
C LEU D 35 16.73 14.18 11.95
N CYS D 36 17.26 14.33 10.75
CA CYS D 36 17.18 13.24 9.80
C CYS D 36 18.19 13.44 8.69
N THR D 37 18.37 12.43 7.83
CA THR D 37 19.31 12.61 6.73
C THR D 37 19.02 11.76 5.49
N THR D 38 19.26 12.34 4.32
CA THR D 38 18.99 11.64 3.06
C THR D 38 20.28 11.52 2.25
N HIS D 39 20.53 10.33 1.76
CA HIS D 39 21.74 10.01 1.07
C HIS D 39 21.35 9.60 -0.34
N ILE D 40 22.12 10.07 -1.31
CA ILE D 40 21.98 9.68 -2.71
C ILE D 40 23.31 9.14 -3.18
N HIS D 41 23.35 7.92 -3.72
CA HIS D 41 24.60 7.35 -4.23
C HIS D 41 24.74 7.83 -5.65
N MET D 42 25.54 8.87 -5.84
CA MET D 42 25.70 9.46 -7.15
C MET D 42 26.40 8.53 -8.11
N ASP D 43 27.54 7.99 -7.72
CA ASP D 43 28.20 6.99 -8.54
C ASP D 43 29.14 6.13 -7.70
N GLU D 44 29.99 5.35 -8.36
CA GLU D 44 31.02 4.54 -7.66
C GLU D 44 31.68 5.26 -6.49
N HIS D 45 31.97 6.54 -6.65
CA HIS D 45 32.83 7.24 -5.71
C HIS D 45 32.21 8.51 -5.11
N ASN D 46 30.90 8.69 -5.17
CA ASN D 46 30.38 9.96 -4.72
C ASN D 46 29.03 9.85 -4.08
N CYS D 47 28.89 10.34 -2.87
CA CYS D 47 27.59 10.37 -2.26
C CYS D 47 27.26 11.78 -1.98
N LEU D 48 25.97 12.04 -1.95
CA LEU D 48 25.44 13.31 -1.53
C LEU D 48 24.55 13.05 -0.34
N GLU D 49 24.90 13.62 0.79
CA GLU D 49 24.00 13.58 1.92
C GLU D 49 23.39 14.98 2.11
N THR D 50 22.09 15.04 2.33
CA THR D 50 21.49 16.20 2.96
C THR D 50 21.15 15.83 4.40
N ILE D 51 21.70 16.62 5.31
CA ILE D 51 21.64 16.35 6.73
C ILE D 51 20.88 17.46 7.36
N ILE D 52 19.69 17.18 7.80
CA ILE D 52 18.91 18.17 8.46
C ILE D 52 19.25 18.08 9.90
N LEU D 53 19.70 19.18 10.47
CA LEU D 53 20.10 19.17 11.89
C LEU D 53 19.61 20.44 12.65
N GLN D 54 19.77 20.40 13.98
CA GLN D 54 19.23 21.40 14.91
C GLN D 54 20.10 21.62 16.15
N GLY D 55 20.32 22.89 16.49
CA GLY D 55 21.19 23.25 17.62
C GLY D 55 21.50 24.75 17.64
N ASN D 56 22.36 25.19 18.57
CA ASN D 56 22.79 26.60 18.64
C ASN D 56 23.69 26.95 17.44
N SER D 57 23.55 28.18 16.94
CA SER D 57 24.14 28.57 15.65
C SER D 57 25.65 28.43 15.64
N PHE D 58 26.26 28.41 16.82
CA PHE D 58 27.70 28.22 16.90
C PHE D 58 28.07 26.78 16.60
N GLU D 59 27.37 25.84 17.22
CA GLU D 59 27.65 24.44 16.99
C GLU D 59 27.42 24.03 15.54
N ILE D 60 26.44 24.65 14.90
CA ILE D 60 26.19 24.42 13.50
C ILE D 60 27.39 24.94 12.71
N GLN D 61 27.68 26.23 12.83
CA GLN D 61 28.86 26.84 12.21
C GLN D 61 30.02 25.85 12.27
N ARG D 62 30.15 25.22 13.43
CA ARG D 62 31.33 24.42 13.73
C ARG D 62 31.28 23.10 13.00
N LEU D 63 30.10 22.51 12.92
CA LEU D 63 29.97 21.21 12.29
C LEU D 63 30.40 21.29 10.84
N GLN D 64 30.02 22.37 10.17
CA GLN D 64 30.46 22.62 8.79
C GLN D 64 31.96 22.71 8.76
N LEU D 65 32.49 23.54 9.64
CA LEU D 65 33.93 23.77 9.77
C LEU D 65 34.68 22.45 9.91
N GLU D 66 34.21 21.56 10.78
CA GLU D 66 34.86 20.24 10.95
C GLU D 66 34.64 19.32 9.74
N ILE D 67 33.40 19.18 9.30
CA ILE D 67 33.10 18.21 8.26
C ILE D 67 33.76 18.59 6.96
N GLY D 68 33.73 19.87 6.64
CA GLY D 68 34.21 20.35 5.35
C GLY D 68 35.68 20.05 5.10
N GLY D 69 36.46 20.03 6.20
CA GLY D 69 37.89 19.83 6.08
C GLY D 69 38.35 18.40 5.92
N LEU D 70 37.46 17.42 6.01
CA LEU D 70 37.89 16.02 6.13
C LEU D 70 38.44 15.46 4.80
N ARG D 71 39.40 14.54 4.92
CA ARG D 71 39.90 13.74 3.81
C ARG D 71 38.72 12.95 3.29
N GLY D 72 38.39 13.13 2.01
CA GLY D 72 37.27 12.44 1.36
C GLY D 72 36.02 13.27 1.13
N VAL D 73 35.88 14.37 1.88
CA VAL D 73 34.76 15.28 1.67
C VAL D 73 35.13 16.21 0.51
N LYS D 74 34.33 16.19 -0.56
CA LYS D 74 34.57 17.04 -1.73
C LYS D 74 33.81 18.35 -1.71
N PHE D 75 32.69 18.37 -1.00
CA PHE D 75 31.82 19.55 -0.93
C PHE D 75 31.02 19.58 0.37
N ALA D 76 30.80 20.78 0.93
CA ALA D 76 30.01 20.89 2.16
C ALA D 76 29.51 22.29 2.38
N LYS D 77 28.25 22.55 2.03
CA LYS D 77 27.65 23.86 2.28
C LYS D 77 26.49 23.76 3.26
N LEU D 78 26.39 24.81 4.06
CA LEU D 78 25.47 24.89 5.16
C LEU D 78 24.37 25.85 4.75
N THR D 79 23.12 25.53 5.10
CA THR D 79 22.01 26.44 4.84
C THR D 79 21.29 26.72 6.14
N LYS D 80 21.31 27.97 6.57
CA LYS D 80 20.65 28.36 7.82
C LYS D 80 19.15 28.50 7.57
N ALA D 81 18.32 28.12 8.54
CA ALA D 81 16.88 28.48 8.50
C ALA D 81 16.64 29.68 9.43
N LYS E 4 16.80 -22.50 1.21
CA LYS E 4 15.54 -22.60 2.06
C LYS E 4 14.20 -22.58 1.24
N ILE E 5 13.07 -22.64 1.96
CA ILE E 5 11.71 -22.89 1.39
C ILE E 5 10.99 -21.71 0.69
N ALA E 6 10.40 -22.01 -0.46
CA ALA E 6 9.85 -20.99 -1.37
C ALA E 6 8.63 -21.47 -2.19
N VAL E 7 7.87 -20.53 -2.74
CA VAL E 7 6.71 -20.83 -3.56
C VAL E 7 6.79 -19.98 -4.82
N LEU E 8 6.61 -20.60 -5.98
CA LEU E 8 6.62 -19.89 -7.25
C LEU E 8 5.22 -19.90 -7.78
N VAL E 9 4.54 -18.76 -7.83
CA VAL E 9 3.15 -18.73 -8.34
C VAL E 9 3.18 -18.41 -9.83
N VAL E 10 2.72 -19.35 -10.65
CA VAL E 10 2.79 -19.21 -12.09
C VAL E 10 1.37 -19.08 -12.64
N ILE E 11 1.12 -18.11 -13.53
CA ILE E 11 -0.12 -18.06 -14.31
C ILE E 11 0.25 -18.30 -15.74
N TYR E 12 -0.34 -19.31 -16.35
CA TYR E 12 -0.02 -19.64 -17.74
C TYR E 12 -1.27 -19.85 -18.62
N ASP E 13 -1.06 -20.10 -19.91
CA ASP E 13 -2.14 -20.08 -20.89
C ASP E 13 -3.22 -21.13 -20.67
N HIS E 14 -3.01 -22.38 -21.08
CA HIS E 14 -4.07 -23.44 -20.97
C HIS E 14 -4.34 -23.95 -22.33
N HIS E 15 -4.47 -22.99 -23.26
CA HIS E 15 -4.58 -23.29 -24.67
C HIS E 15 -3.22 -23.68 -25.25
N GLN E 16 -2.15 -23.24 -24.61
CA GLN E 16 -0.84 -23.59 -25.09
C GLN E 16 -0.64 -25.07 -24.86
N ARG E 17 -0.03 -25.75 -25.81
CA ARG E 17 0.07 -27.21 -25.75
C ARG E 17 1.48 -27.62 -25.43
N GLU E 18 1.62 -28.80 -24.84
CA GLU E 18 2.91 -29.29 -24.31
C GLU E 18 3.54 -28.35 -23.26
N LEU E 19 2.79 -27.39 -22.73
CA LEU E 19 3.38 -26.47 -21.77
C LEU E 19 3.50 -27.13 -20.41
N ASN E 20 2.45 -27.84 -20.00
CA ASN E 20 2.50 -28.50 -18.73
C ASN E 20 3.52 -29.61 -18.72
N GLN E 21 3.62 -30.36 -19.81
CA GLN E 21 4.72 -31.33 -20.04
C GLN E 21 6.13 -30.67 -19.92
N ARG E 22 6.35 -29.55 -20.61
CA ARG E 22 7.59 -28.80 -20.45
C ARG E 22 7.86 -28.30 -19.00
N MET E 23 6.82 -27.83 -18.30
CA MET E 23 7.03 -27.37 -16.90
C MET E 23 7.42 -28.51 -15.97
N ILE E 24 6.66 -29.60 -16.05
CA ILE E 24 7.02 -30.83 -15.35
C ILE E 24 8.48 -31.26 -15.70
N ASP E 25 8.82 -31.28 -16.99
CA ASP E 25 10.19 -31.61 -17.40
C ASP E 25 11.27 -30.80 -16.70
N ILE E 26 11.06 -29.49 -16.66
CA ILE E 26 11.99 -28.57 -15.99
C ILE E 26 12.20 -28.85 -14.48
N GLN E 27 11.07 -29.14 -13.78
CA GLN E 27 11.09 -29.31 -12.35
C GLN E 27 11.78 -30.62 -11.97
N HIS E 28 11.48 -31.72 -12.66
CA HIS E 28 12.20 -32.97 -12.40
C HIS E 28 13.71 -32.75 -12.63
N ALA E 29 14.01 -31.95 -13.66
CA ALA E 29 15.37 -31.55 -13.99
C ALA E 29 15.99 -30.64 -12.95
N SER E 30 15.23 -29.68 -12.43
CA SER E 30 15.81 -28.71 -11.48
C SER E 30 16.54 -29.33 -10.30
N GLY E 31 17.62 -28.63 -9.93
CA GLY E 31 18.38 -28.95 -8.76
C GLY E 31 17.55 -28.68 -7.52
N THR E 32 16.62 -27.72 -7.56
CA THR E 32 15.74 -27.54 -6.41
C THR E 32 14.95 -28.84 -6.18
N HIS E 33 14.44 -28.98 -4.97
CA HIS E 33 13.54 -30.07 -4.61
C HIS E 33 12.12 -29.51 -4.63
N VAL E 34 11.36 -29.83 -5.66
CA VAL E 34 9.98 -29.37 -5.75
C VAL E 34 9.06 -30.30 -4.99
N LEU E 35 8.65 -29.87 -3.82
CA LEU E 35 7.86 -30.70 -2.96
C LEU E 35 6.56 -31.08 -3.66
N CYS E 36 5.80 -30.10 -4.16
CA CYS E 36 4.54 -30.37 -4.88
C CYS E 36 4.03 -29.15 -5.65
N THR E 37 3.17 -29.42 -6.62
CA THR E 37 2.54 -28.35 -7.37
C THR E 37 1.00 -28.55 -7.41
N THR E 38 0.24 -27.47 -7.16
CA THR E 38 -1.20 -27.50 -7.29
C THR E 38 -1.57 -26.56 -8.40
N HIS E 39 -2.54 -26.97 -9.23
CA HIS E 39 -3.10 -26.17 -10.33
C HIS E 39 -4.62 -26.01 -10.11
N ILE E 40 -5.14 -24.81 -10.38
CA ILE E 40 -6.57 -24.61 -10.50
C ILE E 40 -6.88 -24.02 -11.85
N HIS E 41 -8.15 -24.06 -12.25
CA HIS E 41 -8.57 -23.34 -13.43
C HIS E 41 -9.01 -21.95 -12.99
N MET E 42 -8.35 -20.93 -13.53
CA MET E 42 -8.62 -19.55 -13.19
C MET E 42 -9.88 -19.09 -13.90
N ASP E 43 -9.88 -19.28 -15.23
CA ASP E 43 -11.07 -19.05 -16.07
C ASP E 43 -11.00 -20.01 -17.27
N GLU E 44 -11.69 -19.70 -18.36
CA GLU E 44 -11.64 -20.53 -19.57
C GLU E 44 -10.22 -20.54 -20.18
N HIS E 45 -9.56 -19.39 -20.15
CA HIS E 45 -8.32 -19.20 -20.88
C HIS E 45 -7.05 -19.29 -20.03
N ASN E 46 -7.18 -19.25 -18.71
CA ASN E 46 -6.00 -19.11 -17.81
C ASN E 46 -5.89 -20.11 -16.64
N CYS E 47 -4.65 -20.51 -16.33
CA CYS E 47 -4.41 -21.50 -15.29
C CYS E 47 -3.46 -20.94 -14.27
N LEU E 48 -3.74 -21.22 -12.99
CA LEU E 48 -2.92 -20.76 -11.84
C LEU E 48 -2.30 -21.96 -11.17
N GLU E 49 -0.98 -21.95 -11.08
CA GLU E 49 -0.21 -23.03 -10.54
C GLU E 49 0.73 -22.49 -9.46
N THR E 50 0.75 -23.19 -8.36
CA THR E 50 1.47 -22.79 -7.16
C THR E 50 2.51 -23.89 -6.84
N ILE E 51 3.77 -23.64 -7.17
CA ILE E 51 4.83 -24.63 -6.96
C ILE E 51 5.46 -24.40 -5.61
N ILE E 52 5.64 -25.45 -4.81
CA ILE E 52 6.34 -25.33 -3.54
C ILE E 52 7.70 -26.05 -3.59
N LEU E 53 8.78 -25.36 -3.37
CA LEU E 53 10.06 -25.98 -3.56
C LEU E 53 11.04 -25.56 -2.47
N GLN E 54 12.11 -26.35 -2.31
CA GLN E 54 13.17 -26.08 -1.35
C GLN E 54 14.42 -25.98 -2.18
N GLY E 55 15.36 -25.17 -1.75
CA GLY E 55 16.68 -25.13 -2.38
C GLY E 55 17.47 -23.84 -2.18
N ASN E 56 18.65 -23.79 -2.82
CA ASN E 56 19.52 -22.62 -2.74
C ASN E 56 19.08 -21.53 -3.70
N SER E 57 19.40 -20.30 -3.36
CA SER E 57 18.83 -19.14 -4.00
C SER E 57 19.17 -19.03 -5.46
N PHE E 58 20.30 -19.62 -5.90
CA PHE E 58 20.64 -19.66 -7.33
C PHE E 58 19.71 -20.66 -8.03
N GLU E 59 19.58 -21.86 -7.48
CA GLU E 59 18.74 -22.91 -8.08
C GLU E 59 17.26 -22.52 -8.20
N ILE E 60 16.77 -21.77 -7.23
CA ILE E 60 15.42 -21.24 -7.26
C ILE E 60 15.37 -20.17 -8.33
N GLN E 61 16.22 -19.16 -8.22
CA GLN E 61 16.23 -18.05 -9.20
C GLN E 61 16.27 -18.60 -10.60
N ARG E 62 17.04 -19.68 -10.83
CA ARG E 62 17.14 -20.27 -12.18
C ARG E 62 15.83 -20.90 -12.61
N LEU E 63 15.27 -21.74 -11.74
CA LEU E 63 13.97 -22.40 -12.00
C LEU E 63 12.88 -21.39 -12.32
N GLN E 64 12.94 -20.20 -11.73
CA GLN E 64 11.96 -19.15 -12.02
C GLN E 64 12.15 -18.66 -13.44
N LEU E 65 13.37 -18.29 -13.82
CA LEU E 65 13.62 -17.73 -15.16
C LEU E 65 13.22 -18.74 -16.25
N GLU E 66 13.62 -19.99 -16.02
CA GLU E 66 13.26 -21.13 -16.86
C GLU E 66 11.79 -21.19 -17.12
N ILE E 67 11.00 -21.29 -16.08
CA ILE E 67 9.55 -21.42 -16.21
C ILE E 67 8.98 -20.15 -16.85
N GLY E 68 9.36 -18.97 -16.33
CA GLY E 68 8.83 -17.71 -16.84
C GLY E 68 9.16 -17.52 -18.31
N GLY E 69 10.30 -18.05 -18.73
CA GLY E 69 10.71 -18.01 -20.13
C GLY E 69 9.88 -18.84 -21.11
N LEU E 70 9.20 -19.87 -20.61
CA LEU E 70 8.40 -20.73 -21.47
C LEU E 70 7.32 -19.87 -22.12
N ARG E 71 6.93 -20.22 -23.36
CA ARG E 71 5.87 -19.48 -24.08
C ARG E 71 4.50 -19.95 -23.63
N GLY E 72 3.67 -19.00 -23.24
CA GLY E 72 2.40 -19.31 -22.60
C GLY E 72 2.41 -19.03 -21.10
N VAL E 73 3.57 -19.02 -20.48
CA VAL E 73 3.65 -18.56 -19.10
C VAL E 73 3.57 -17.05 -19.08
N LYS E 74 2.45 -16.55 -18.56
CA LYS E 74 2.15 -15.15 -18.55
C LYS E 74 2.86 -14.44 -17.40
N PHE E 75 3.28 -15.18 -16.38
CA PHE E 75 3.60 -14.54 -15.09
C PHE E 75 4.16 -15.55 -14.10
N ALA E 76 5.30 -15.27 -13.49
CA ALA E 76 5.89 -16.23 -12.57
C ALA E 76 6.56 -15.52 -11.40
N LYS E 77 5.76 -15.12 -10.40
CA LYS E 77 6.27 -14.45 -9.20
C LYS E 77 6.84 -15.46 -8.20
N LEU E 78 7.65 -15.00 -7.26
CA LEU E 78 8.30 -15.90 -6.32
C LEU E 78 8.30 -15.36 -4.91
N THR E 79 7.85 -16.17 -3.98
CA THR E 79 7.91 -15.86 -2.55
C THR E 79 8.95 -16.73 -1.90
N LYS E 80 9.83 -16.17 -1.08
CA LYS E 80 10.93 -16.91 -0.45
C LYS E 80 10.93 -16.62 1.06
N ALA E 81 11.27 -17.60 1.89
CA ALA E 81 11.35 -17.40 3.34
C ALA E 81 12.64 -17.92 4.01
N LYS F 4 -11.18 -10.80 -8.73
CA LYS F 4 -9.71 -11.12 -8.73
C LYS F 4 -9.28 -12.35 -7.90
N ILE F 5 -8.15 -12.94 -8.27
CA ILE F 5 -7.62 -14.12 -7.59
C ILE F 5 -6.20 -13.90 -7.05
N ALA F 6 -5.93 -14.46 -5.88
CA ALA F 6 -4.63 -14.33 -5.28
C ALA F 6 -4.29 -15.55 -4.41
N VAL F 7 -2.97 -15.80 -4.27
CA VAL F 7 -2.43 -16.89 -3.45
C VAL F 7 -1.82 -16.25 -2.23
N LEU F 8 -2.14 -16.82 -1.05
CA LEU F 8 -1.64 -16.33 0.25
C LEU F 8 -0.79 -17.44 0.85
N VAL F 9 0.49 -17.17 0.99
CA VAL F 9 1.43 -18.15 1.50
C VAL F 9 1.67 -17.86 2.97
N VAL F 10 1.37 -18.82 3.84
CA VAL F 10 1.53 -18.65 5.29
C VAL F 10 2.50 -19.69 5.84
N ILE F 11 3.32 -19.31 6.81
CA ILE F 11 4.03 -20.26 7.63
C ILE F 11 3.61 -20.01 9.08
N TYR F 12 3.20 -21.08 9.76
CA TYR F 12 2.72 -20.96 11.13
C TYR F 12 2.98 -22.20 11.97
N ASP F 13 2.92 -21.99 13.29
CA ASP F 13 3.12 -23.06 14.27
C ASP F 13 1.77 -23.68 14.61
N HIS F 14 1.64 -24.97 14.35
CA HIS F 14 0.35 -25.61 14.50
C HIS F 14 0.06 -25.92 15.94
N HIS F 15 1.07 -25.80 16.78
CA HIS F 15 0.91 -25.96 18.21
C HIS F 15 0.23 -24.76 18.88
N GLN F 16 0.30 -23.56 18.29
CA GLN F 16 -0.50 -22.45 18.80
C GLN F 16 -1.93 -22.87 18.54
N ARG F 17 -2.53 -23.57 19.51
CA ARG F 17 -3.91 -24.04 19.39
C ARG F 17 -4.81 -22.81 19.47
N GLU F 18 -5.97 -22.97 18.83
CA GLU F 18 -6.81 -21.86 18.40
C GLU F 18 -6.34 -21.38 16.99
N LEU F 19 -5.03 -21.32 16.71
CA LEU F 19 -4.59 -20.60 15.50
C LEU F 19 -5.36 -21.12 14.31
N ASN F 20 -5.30 -22.44 14.08
CA ASN F 20 -5.80 -22.98 12.82
C ASN F 20 -7.27 -22.62 12.70
N GLN F 21 -8.00 -22.82 13.80
CA GLN F 21 -9.42 -22.51 13.79
C GLN F 21 -9.74 -21.03 13.65
N ARG F 22 -8.91 -20.15 14.20
CA ARG F 22 -9.09 -18.70 14.01
C ARG F 22 -9.00 -18.33 12.53
N MET F 23 -7.98 -18.83 11.81
CA MET F 23 -7.76 -18.49 10.41
C MET F 23 -8.96 -18.97 9.58
N ILE F 24 -9.49 -20.15 9.92
CA ILE F 24 -10.71 -20.71 9.28
C ILE F 24 -11.83 -19.72 9.43
N ASP F 25 -11.94 -19.20 10.64
CA ASP F 25 -12.92 -18.17 10.96
C ASP F 25 -12.67 -16.83 10.29
N ILE F 26 -11.41 -16.39 10.23
CA ILE F 26 -11.10 -15.15 9.54
C ILE F 26 -11.51 -15.27 8.09
N GLN F 27 -11.17 -16.40 7.45
CA GLN F 27 -11.46 -16.63 6.01
C GLN F 27 -12.96 -16.74 5.70
N HIS F 28 -13.74 -17.34 6.60
CA HIS F 28 -15.18 -17.41 6.40
C HIS F 28 -15.78 -16.02 6.43
N ALA F 29 -15.55 -15.30 7.53
CA ALA F 29 -15.94 -13.88 7.65
C ALA F 29 -15.46 -13.08 6.44
N SER F 30 -14.16 -13.16 6.17
CA SER F 30 -13.52 -12.38 5.13
C SER F 30 -14.37 -11.96 3.97
N GLY F 31 -15.19 -12.84 3.44
CA GLY F 31 -15.83 -12.44 2.19
C GLY F 31 -14.80 -12.40 1.04
N THR F 32 -13.76 -13.20 1.20
CA THR F 32 -13.11 -13.82 0.08
C THR F 32 -13.51 -15.30 0.16
N HIS F 33 -13.68 -15.98 -0.96
CA HIS F 33 -13.96 -17.43 -0.95
C HIS F 33 -12.63 -18.13 -1.13
N VAL F 34 -12.29 -19.10 -0.31
CA VAL F 34 -11.06 -19.87 -0.52
C VAL F 34 -11.32 -20.98 -1.46
N LEU F 35 -10.84 -20.82 -2.70
CA LEU F 35 -10.99 -21.82 -3.78
C LEU F 35 -10.42 -23.19 -3.36
N CYS F 36 -9.14 -23.19 -2.98
CA CYS F 36 -8.49 -24.42 -2.52
C CYS F 36 -7.24 -24.09 -1.71
N THR F 37 -6.69 -25.09 -1.00
CA THR F 37 -5.50 -24.85 -0.19
C THR F 37 -4.56 -26.06 0.06
N THR F 38 -3.27 -25.83 -0.04
CA THR F 38 -2.29 -26.90 0.06
C THR F 38 -1.42 -26.66 1.29
N HIS F 39 -1.31 -27.66 2.15
CA HIS F 39 -0.61 -27.56 3.39
C HIS F 39 0.57 -28.49 3.27
N ILE F 40 1.75 -28.02 3.70
CA ILE F 40 2.96 -28.84 3.83
C ILE F 40 3.33 -28.85 5.30
N HIS F 41 3.58 -30.02 5.89
CA HIS F 41 4.10 -30.07 7.26
C HIS F 41 5.64 -29.99 7.23
N MET F 42 6.17 -28.80 7.41
CA MET F 42 7.60 -28.64 7.30
C MET F 42 8.36 -29.33 8.41
N ASP F 43 7.94 -29.18 9.66
CA ASP F 43 8.53 -29.95 10.78
C ASP F 43 7.61 -30.02 12.00
N GLU F 44 8.14 -30.46 13.13
CA GLU F 44 7.38 -30.51 14.37
C GLU F 44 6.53 -29.27 14.59
N HIS F 45 7.01 -28.09 14.20
CA HIS F 45 6.39 -26.84 14.59
C HIS F 45 6.09 -25.89 13.45
N ASN F 46 6.14 -26.35 12.21
CA ASN F 46 5.97 -25.41 11.08
C ASN F 46 5.12 -25.92 9.89
N CYS F 47 4.11 -25.16 9.59
CA CYS F 47 3.34 -25.53 8.46
C CYS F 47 3.43 -24.40 7.51
N LEU F 48 3.39 -24.75 6.22
CA LEU F 48 3.26 -23.82 5.14
C LEU F 48 1.93 -24.18 4.54
N GLU F 49 1.05 -23.20 4.43
CA GLU F 49 -0.14 -23.35 3.59
C GLU F 49 -0.02 -22.38 2.44
N THR F 50 -0.32 -22.85 1.22
CA THR F 50 -0.64 -21.97 0.09
C THR F 50 -2.17 -21.97 -0.03
N ILE F 51 -2.74 -20.77 0.08
CA ILE F 51 -4.16 -20.59 0.12
C ILE F 51 -4.53 -19.85 -1.14
N ILE F 52 -5.16 -20.52 -2.09
CA ILE F 52 -5.63 -19.86 -3.29
C ILE F 52 -7.00 -19.32 -2.98
N LEU F 53 -7.17 -18.01 -3.11
CA LEU F 53 -8.46 -17.40 -2.80
C LEU F 53 -8.89 -16.35 -3.81
N GLN F 54 -10.17 -15.97 -3.77
CA GLN F 54 -10.82 -15.12 -4.77
C GLN F 54 -11.80 -14.12 -4.12
N GLY F 55 -11.75 -12.86 -4.55
CA GLY F 55 -12.60 -11.79 -4.03
C GLY F 55 -12.16 -10.37 -4.41
N ASN F 56 -12.86 -9.36 -3.89
CA ASN F 56 -12.54 -7.93 -4.12
C ASN F 56 -11.19 -7.60 -3.51
N SER F 57 -10.36 -6.86 -4.22
CA SER F 57 -8.95 -6.65 -3.84
C SER F 57 -8.80 -6.12 -2.42
N PHE F 58 -9.82 -5.44 -1.93
CA PHE F 58 -9.80 -4.91 -0.61
C PHE F 58 -9.86 -6.03 0.39
N GLU F 59 -10.82 -6.93 0.22
CA GLU F 59 -10.99 -8.06 1.14
C GLU F 59 -9.78 -8.94 1.17
N ILE F 60 -9.13 -9.07 0.01
CA ILE F 60 -7.87 -9.81 -0.08
C ILE F 60 -6.75 -9.11 0.69
N GLN F 61 -6.51 -7.83 0.38
CA GLN F 61 -5.59 -6.98 1.19
C GLN F 61 -5.85 -7.24 2.68
N ARG F 62 -7.12 -7.27 3.06
CA ARG F 62 -7.48 -7.32 4.44
C ARG F 62 -7.19 -8.66 5.06
N LEU F 63 -7.43 -9.73 4.33
CA LEU F 63 -7.16 -11.05 4.88
C LEU F 63 -5.66 -11.27 5.22
N GLN F 64 -4.75 -10.78 4.39
CA GLN F 64 -3.34 -10.79 4.68
C GLN F 64 -3.16 -10.04 6.01
N LEU F 65 -3.62 -8.79 6.02
CA LEU F 65 -3.48 -7.88 7.14
C LEU F 65 -3.87 -8.59 8.46
N GLU F 66 -5.03 -9.28 8.48
CA GLU F 66 -5.56 -9.97 9.67
C GLU F 66 -4.76 -11.20 9.97
N ILE F 67 -4.54 -12.07 8.98
CA ILE F 67 -3.84 -13.34 9.24
C ILE F 67 -2.40 -13.06 9.69
N GLY F 68 -1.73 -12.12 9.01
CA GLY F 68 -0.30 -11.90 9.20
C GLY F 68 -0.02 -11.62 10.65
N GLY F 69 -0.95 -10.92 11.28
CA GLY F 69 -0.75 -10.41 12.63
C GLY F 69 -0.92 -11.42 13.75
N LEU F 70 -1.40 -12.61 13.40
CA LEU F 70 -1.80 -13.58 14.44
C LEU F 70 -0.61 -14.17 15.29
N ARG F 71 -0.93 -14.51 16.54
CA ARG F 71 -0.05 -15.30 17.38
C ARG F 71 0.15 -16.63 16.66
N GLY F 72 1.38 -16.99 16.39
CA GLY F 72 1.65 -18.28 15.78
C GLY F 72 1.97 -18.22 14.29
N VAL F 73 1.57 -17.13 13.64
CA VAL F 73 1.91 -16.93 12.22
C VAL F 73 3.28 -16.28 12.13
N LYS F 74 4.20 -17.00 11.51
CA LYS F 74 5.59 -16.55 11.34
C LYS F 74 5.75 -15.74 10.03
N PHE F 75 4.95 -16.07 9.02
CA PHE F 75 5.11 -15.48 7.69
C PHE F 75 3.80 -15.45 6.96
N ALA F 76 3.55 -14.43 6.16
CA ALA F 76 2.30 -14.37 5.39
C ALA F 76 2.35 -13.39 4.22
N LYS F 77 2.71 -13.86 3.02
CA LYS F 77 2.85 -12.96 1.88
C LYS F 77 1.79 -13.24 0.83
N LEU F 78 1.33 -12.17 0.19
CA LEU F 78 0.18 -12.21 -0.70
C LEU F 78 0.68 -12.07 -2.10
N THR F 79 0.10 -12.79 -3.03
CA THR F 79 0.46 -12.68 -4.46
C THR F 79 -0.79 -12.40 -5.32
N LYS F 80 -0.85 -11.20 -5.90
CA LYS F 80 -1.98 -10.83 -6.75
C LYS F 80 -1.85 -11.53 -8.08
N ALA F 81 -2.98 -11.92 -8.68
CA ALA F 81 -3.00 -12.33 -10.09
C ALA F 81 -3.68 -11.29 -11.02
N SER F 82 -2.88 -10.65 -11.91
CA SER F 82 -3.33 -9.53 -12.81
C SER F 82 -2.15 -8.77 -13.48
N LYS G 4 5.35 -47.92 0.90
CA LYS G 4 5.47 -47.16 -0.36
C LYS G 4 4.37 -46.06 -0.41
N ILE G 5 4.19 -45.43 -1.60
CA ILE G 5 3.33 -44.22 -1.80
C ILE G 5 1.78 -44.42 -1.84
N ALA G 6 1.04 -43.48 -1.24
CA ALA G 6 -0.42 -43.62 -1.10
C ALA G 6 -1.12 -42.27 -0.91
N VAL G 7 -2.43 -42.29 -1.10
CA VAL G 7 -3.25 -41.11 -0.95
C VAL G 7 -4.43 -41.44 -0.06
N LEU G 8 -4.71 -40.60 0.91
CA LEU G 8 -5.87 -40.80 1.71
C LEU G 8 -6.88 -39.74 1.34
N VAL G 9 -8.02 -40.09 0.76
CA VAL G 9 -9.04 -39.07 0.47
C VAL G 9 -10.00 -38.97 1.68
N VAL G 10 -10.08 -37.77 2.27
CA VAL G 10 -10.94 -37.54 3.41
C VAL G 10 -12.00 -36.56 3.07
N ILE G 11 -13.26 -36.86 3.42
CA ILE G 11 -14.36 -35.90 3.41
C ILE G 11 -14.82 -35.62 4.82
N TYR G 12 -14.81 -34.37 5.23
CA TYR G 12 -15.15 -34.03 6.62
C TYR G 12 -16.09 -32.85 6.72
N ASP G 13 -16.49 -32.50 7.94
CA ASP G 13 -17.59 -31.56 8.15
C ASP G 13 -17.27 -30.18 7.66
N HIS G 14 -16.52 -29.37 8.40
CA HIS G 14 -16.31 -27.93 8.01
C HIS G 14 -16.88 -27.10 9.14
N HIS G 15 -18.11 -27.42 9.53
CA HIS G 15 -18.76 -26.79 10.68
C HIS G 15 -18.14 -27.31 12.00
N GLN G 16 -17.50 -28.48 11.93
CA GLN G 16 -16.86 -29.05 13.11
C GLN G 16 -15.65 -28.22 13.42
N ARG G 17 -15.41 -27.96 14.70
CA ARG G 17 -14.37 -27.04 15.11
C ARG G 17 -13.19 -27.78 15.72
N GLU G 18 -12.01 -27.19 15.58
CA GLU G 18 -10.74 -27.84 15.95
C GLU G 18 -10.48 -29.20 15.24
N LEU G 19 -11.20 -29.47 14.15
CA LEU G 19 -11.01 -30.71 13.43
C LEU G 19 -9.77 -30.65 12.54
N ASN G 20 -9.56 -29.51 11.87
CA ASN G 20 -8.39 -29.33 11.00
C ASN G 20 -7.14 -29.32 11.84
N GLN G 21 -7.24 -28.61 12.95
CA GLN G 21 -6.20 -28.61 13.99
C GLN G 21 -5.83 -30.00 14.47
N ARG G 22 -6.84 -30.81 14.82
CA ARG G 22 -6.60 -32.23 15.17
C ARG G 22 -6.03 -33.07 14.02
N MET G 23 -6.48 -32.86 12.79
CA MET G 23 -5.91 -33.60 11.65
C MET G 23 -4.45 -33.26 11.45
N ILE G 24 -4.15 -31.97 11.32
CA ILE G 24 -2.75 -31.57 11.21
C ILE G 24 -1.92 -32.27 12.31
N ASP G 25 -2.42 -32.19 13.57
CA ASP G 25 -1.72 -32.72 14.76
C ASP G 25 -1.35 -34.13 14.55
N ILE G 26 -2.30 -34.91 14.01
CA ILE G 26 -2.11 -36.34 13.78
C ILE G 26 -1.00 -36.59 12.77
N GLN G 27 -0.98 -35.80 11.71
CA GLN G 27 -0.06 -36.05 10.60
C GLN G 27 1.35 -35.73 10.98
N HIS G 28 1.55 -34.60 11.65
CA HIS G 28 2.88 -34.27 12.14
C HIS G 28 3.32 -35.42 13.02
N ALA G 29 2.37 -35.92 13.81
CA ALA G 29 2.57 -37.09 14.69
C ALA G 29 2.89 -38.38 13.94
N SER G 30 2.19 -38.63 12.85
CA SER G 30 2.35 -39.89 12.15
C SER G 30 3.75 -40.22 11.73
N GLY G 31 4.01 -41.53 11.82
CA GLY G 31 5.26 -42.12 11.41
C GLY G 31 5.37 -42.13 9.92
N THR G 32 4.25 -42.12 9.22
CA THR G 32 4.30 -41.89 7.77
C THR G 32 4.91 -40.49 7.49
N HIS G 33 5.39 -40.32 6.27
CA HIS G 33 5.87 -39.03 5.81
C HIS G 33 4.78 -38.37 4.94
N VAL G 34 4.07 -37.40 5.49
CA VAL G 34 2.99 -36.77 4.76
C VAL G 34 3.58 -35.68 3.87
N LEU G 35 3.74 -35.99 2.58
CA LEU G 35 4.34 -35.06 1.60
C LEU G 35 3.57 -33.71 1.52
N CYS G 36 2.25 -33.81 1.29
CA CYS G 36 1.35 -32.62 1.29
C CYS G 36 -0.14 -32.96 1.34
N THR G 37 -0.95 -31.97 1.75
CA THR G 37 -2.39 -32.16 1.74
C THR G 37 -3.08 -30.99 1.11
N THR G 38 -4.01 -31.27 0.20
CA THR G 38 -4.81 -30.27 -0.49
C THR G 38 -6.24 -30.40 0.00
N HIS G 39 -6.88 -29.25 0.21
CA HIS G 39 -8.28 -29.16 0.57
C HIS G 39 -8.99 -28.37 -0.51
N ILE G 40 -10.23 -28.73 -0.81
CA ILE G 40 -11.14 -27.83 -1.50
C ILE G 40 -12.42 -27.68 -0.69
N HIS G 41 -13.23 -26.68 -1.05
CA HIS G 41 -14.60 -26.62 -0.53
C HIS G 41 -15.54 -27.36 -1.45
N MET G 42 -16.17 -28.42 -0.93
CA MET G 42 -17.07 -29.29 -1.70
C MET G 42 -18.41 -28.57 -1.88
N ASP G 43 -19.00 -28.15 -0.76
CA ASP G 43 -20.19 -27.31 -0.76
C ASP G 43 -20.16 -26.41 0.48
N GLU G 44 -21.32 -25.91 0.91
CA GLU G 44 -21.41 -25.07 2.12
C GLU G 44 -21.06 -25.86 3.41
N HIS G 45 -21.46 -27.14 3.45
CA HIS G 45 -21.35 -27.94 4.67
C HIS G 45 -20.19 -28.97 4.65
N ASN G 46 -19.53 -29.20 3.50
CA ASN G 46 -18.54 -30.31 3.35
C ASN G 46 -17.17 -29.94 2.74
N CYS G 47 -16.13 -30.61 3.18
CA CYS G 47 -14.79 -30.34 2.72
C CYS G 47 -14.08 -31.62 2.29
N LEU G 48 -13.34 -31.56 1.19
CA LEU G 48 -12.68 -32.71 0.63
C LEU G 48 -11.23 -32.43 0.73
N GLU G 49 -10.46 -33.35 1.32
CA GLU G 49 -9.03 -33.20 1.55
C GLU G 49 -8.31 -34.44 1.11
N THR G 50 -7.25 -34.22 0.33
CA THR G 50 -6.52 -35.28 -0.36
C THR G 50 -5.07 -35.35 0.20
N ILE G 51 -4.78 -36.26 1.12
CA ILE G 51 -3.47 -36.32 1.74
C ILE G 51 -2.59 -37.26 0.91
N ILE G 52 -1.37 -36.84 0.61
CA ILE G 52 -0.42 -37.70 -0.06
C ILE G 52 0.75 -37.99 0.87
N LEU G 53 0.97 -39.28 1.13
CA LEU G 53 1.94 -39.72 2.13
C LEU G 53 2.75 -40.98 1.66
N GLN G 54 3.91 -41.14 2.26
CA GLN G 54 4.77 -42.28 2.00
C GLN G 54 4.95 -42.99 3.33
N GLY G 55 5.08 -44.32 3.28
CA GLY G 55 5.36 -45.09 4.49
C GLY G 55 5.00 -46.54 4.39
N ASN G 56 5.19 -47.24 5.50
CA ASN G 56 4.87 -48.66 5.61
C ASN G 56 3.39 -48.89 5.86
N SER G 57 2.93 -50.08 5.49
CA SER G 57 1.52 -50.37 5.41
C SER G 57 0.79 -50.31 6.75
N PHE G 58 1.50 -50.53 7.83
CA PHE G 58 0.88 -50.42 9.14
C PHE G 58 0.69 -48.94 9.43
N GLU G 59 1.77 -48.17 9.29
CA GLU G 59 1.74 -46.74 9.58
C GLU G 59 0.66 -45.98 8.81
N ILE G 60 0.45 -46.40 7.55
CA ILE G 60 -0.58 -45.82 6.71
C ILE G 60 -1.92 -46.28 7.22
N GLN G 61 -2.09 -47.58 7.39
CA GLN G 61 -3.35 -48.09 7.90
C GLN G 61 -3.74 -47.44 9.21
N ARG G 62 -2.77 -47.22 10.10
CA ARG G 62 -3.04 -46.55 11.38
C ARG G 62 -3.53 -45.12 11.15
N LEU G 63 -2.74 -44.33 10.41
CA LEU G 63 -3.12 -42.97 10.07
C LEU G 63 -4.51 -42.85 9.44
N GLN G 64 -4.93 -43.87 8.74
CA GLN G 64 -6.27 -43.86 8.21
C GLN G 64 -7.28 -43.99 9.34
N LEU G 65 -7.13 -44.97 10.21
CA LEU G 65 -8.14 -45.27 11.22
C LEU G 65 -8.23 -44.07 12.21
N GLU G 66 -7.06 -43.50 12.52
CA GLU G 66 -6.96 -42.27 13.31
C GLU G 66 -7.85 -41.18 12.74
N ILE G 67 -7.59 -40.77 11.50
CA ILE G 67 -8.31 -39.64 10.90
C ILE G 67 -9.78 -39.94 10.73
N GLY G 68 -10.11 -41.14 10.29
CA GLY G 68 -11.50 -41.53 10.12
C GLY G 68 -12.26 -41.55 11.44
N GLY G 69 -11.53 -41.87 12.50
CA GLY G 69 -12.10 -41.92 13.83
C GLY G 69 -12.54 -40.57 14.37
N LEU G 70 -11.90 -39.49 13.89
CA LEU G 70 -12.19 -38.15 14.38
C LEU G 70 -13.67 -37.85 14.14
N ARG G 71 -14.28 -37.05 15.03
CA ARG G 71 -15.70 -36.72 14.88
C ARG G 71 -15.86 -35.61 13.89
N GLY G 72 -16.70 -35.82 12.87
CA GLY G 72 -16.80 -34.85 11.75
C GLY G 72 -16.23 -35.35 10.44
N VAL G 73 -15.26 -36.27 10.54
CA VAL G 73 -14.74 -36.97 9.37
C VAL G 73 -15.78 -37.97 8.91
N LYS G 74 -16.41 -37.65 7.78
CA LYS G 74 -17.50 -38.46 7.28
C LYS G 74 -16.98 -39.75 6.65
N PHE G 75 -15.71 -39.76 6.20
CA PHE G 75 -15.27 -40.69 5.15
C PHE G 75 -13.78 -40.58 4.95
N ALA G 76 -13.05 -41.68 5.01
CA ALA G 76 -11.62 -41.60 4.74
C ALA G 76 -11.12 -42.79 3.95
N LYS G 77 -11.25 -42.76 2.61
CA LYS G 77 -10.78 -43.86 1.73
C LYS G 77 -9.27 -43.75 1.43
N LEU G 78 -8.68 -44.88 1.08
CA LEU G 78 -7.24 -44.93 0.89
C LEU G 78 -6.89 -45.60 -0.43
N THR G 79 -6.00 -44.95 -1.20
CA THR G 79 -5.39 -45.56 -2.38
C THR G 79 -3.90 -45.83 -2.15
N LYS G 80 -3.43 -47.04 -2.47
CA LYS G 80 -2.03 -47.42 -2.18
C LYS G 80 -1.37 -48.04 -3.38
N ALA G 81 -0.10 -47.72 -3.64
CA ALA G 81 0.67 -48.23 -4.81
C ALA G 81 2.13 -48.70 -4.47
N SER G 82 2.70 -49.68 -5.21
CA SER G 82 4.22 -49.99 -5.28
C SER G 82 5.23 -49.10 -6.17
N SER G 83 5.22 -47.75 -6.03
CA SER G 83 6.04 -46.72 -6.80
C SER G 83 5.62 -46.51 -8.26
N SER H 3 -24.79 -34.08 -10.19
CA SER H 3 -23.32 -33.83 -10.43
C SER H 3 -22.37 -34.04 -9.17
N LYS H 4 -21.83 -35.27 -9.04
CA LYS H 4 -21.03 -35.71 -7.88
C LYS H 4 -19.53 -35.30 -7.99
N ILE H 5 -18.74 -35.58 -6.92
CA ILE H 5 -17.29 -35.28 -6.89
C ILE H 5 -16.42 -36.50 -6.64
N ALA H 6 -15.25 -36.53 -7.27
CA ALA H 6 -14.35 -37.66 -7.07
C ALA H 6 -12.89 -37.29 -7.25
N VAL H 7 -12.02 -37.99 -6.54
CA VAL H 7 -10.61 -37.89 -6.76
C VAL H 7 -10.13 -39.00 -7.72
N LEU H 8 -9.16 -38.67 -8.57
CA LEU H 8 -8.52 -39.67 -9.43
C LEU H 8 -7.05 -39.62 -9.22
N VAL H 9 -6.49 -40.68 -8.67
CA VAL H 9 -5.07 -40.79 -8.35
C VAL H 9 -4.38 -41.48 -9.52
N VAL H 10 -3.39 -40.82 -10.12
CA VAL H 10 -2.69 -41.39 -11.24
C VAL H 10 -1.23 -41.39 -10.97
N ILE H 11 -0.54 -42.50 -11.29
CA ILE H 11 0.94 -42.50 -11.35
C ILE H 11 1.35 -42.81 -12.75
N TYR H 12 2.21 -41.95 -13.31
CA TYR H 12 2.64 -42.06 -14.71
C TYR H 12 4.08 -41.61 -14.92
N ASP H 13 4.61 -42.02 -16.08
CA ASP H 13 5.95 -41.63 -16.52
C ASP H 13 5.88 -40.37 -17.35
N HIS H 14 6.52 -39.30 -16.90
CA HIS H 14 6.38 -38.03 -17.59
C HIS H 14 7.20 -38.03 -18.83
N HIS H 15 8.10 -38.99 -18.99
CA HIS H 15 8.89 -39.11 -20.21
C HIS H 15 8.12 -39.67 -21.42
N GLN H 16 6.98 -40.31 -21.17
CA GLN H 16 6.08 -40.66 -22.28
C GLN H 16 5.49 -39.35 -22.73
N ARG H 17 6.18 -38.69 -23.66
CA ARG H 17 5.71 -37.42 -24.16
C ARG H 17 4.42 -37.78 -24.88
N GLU H 18 3.57 -36.80 -25.01
CA GLU H 18 2.20 -37.00 -25.45
C GLU H 18 1.36 -37.26 -24.21
N LEU H 19 1.86 -38.04 -23.26
CA LEU H 19 0.96 -38.51 -22.24
C LEU H 19 0.31 -37.36 -21.50
N ASN H 20 1.09 -36.42 -21.04
CA ASN H 20 0.53 -35.39 -20.19
C ASN H 20 -0.50 -34.60 -20.95
N GLN H 21 -0.14 -34.17 -22.14
CA GLN H 21 -1.08 -33.41 -22.94
C GLN H 21 -2.34 -34.22 -23.28
N ARG H 22 -2.19 -35.50 -23.55
CA ARG H 22 -3.33 -36.34 -23.90
C ARG H 22 -4.35 -36.39 -22.78
N MET H 23 -3.88 -36.52 -21.55
CA MET H 23 -4.81 -36.55 -20.42
C MET H 23 -5.54 -35.18 -20.31
N ILE H 24 -4.80 -34.08 -20.51
CA ILE H 24 -5.41 -32.74 -20.52
C ILE H 24 -6.55 -32.73 -21.53
N ASP H 25 -6.29 -33.30 -22.68
CA ASP H 25 -7.32 -33.40 -23.70
C ASP H 25 -8.44 -34.30 -23.29
N ILE H 26 -8.13 -35.46 -22.69
CA ILE H 26 -9.20 -36.40 -22.31
C ILE H 26 -10.12 -35.72 -21.30
N GLN H 27 -9.54 -35.00 -20.33
CA GLN H 27 -10.32 -34.33 -19.28
C GLN H 27 -11.16 -33.14 -19.78
N HIS H 28 -10.65 -32.43 -20.77
CA HIS H 28 -11.45 -31.37 -21.39
C HIS H 28 -12.69 -31.99 -22.06
N ALA H 29 -12.44 -32.90 -23.01
CA ALA H 29 -13.49 -33.68 -23.64
C ALA H 29 -14.43 -34.21 -22.58
N SER H 30 -13.88 -34.90 -21.61
CA SER H 30 -14.65 -35.67 -20.62
C SER H 30 -16.03 -35.10 -20.32
N GLY H 31 -16.14 -33.79 -20.12
CA GLY H 31 -17.38 -33.25 -19.61
C GLY H 31 -17.51 -33.62 -18.14
N THR H 32 -16.38 -33.85 -17.51
CA THR H 32 -16.19 -33.66 -16.10
C THR H 32 -15.26 -32.47 -16.03
N HIS H 33 -15.49 -31.57 -15.08
CA HIS H 33 -14.65 -30.37 -14.91
C HIS H 33 -13.61 -30.74 -13.85
N VAL H 34 -12.32 -30.49 -14.08
CA VAL H 34 -11.32 -30.73 -13.05
C VAL H 34 -11.17 -29.55 -12.08
N LEU H 35 -11.72 -29.72 -10.86
CA LEU H 35 -11.77 -28.66 -9.85
C LEU H 35 -10.38 -28.21 -9.51
N CYS H 36 -9.50 -29.14 -9.22
CA CYS H 36 -8.09 -28.80 -9.02
C CYS H 36 -7.21 -30.06 -9.13
N THR H 37 -5.91 -29.89 -9.18
CA THR H 37 -5.04 -31.04 -9.22
C THR H 37 -3.62 -30.85 -8.59
N THR H 38 -3.16 -31.85 -7.82
CA THR H 38 -1.87 -31.76 -7.13
C THR H 38 -1.00 -32.88 -7.66
N HIS H 39 0.22 -32.51 -8.04
CA HIS H 39 1.20 -33.34 -8.70
C HIS H 39 2.44 -33.44 -7.75
N ILE H 40 3.06 -34.61 -7.70
CA ILE H 40 4.23 -34.86 -6.86
C ILE H 40 5.19 -35.53 -7.74
N HIS H 41 6.38 -34.97 -7.94
CA HIS H 41 7.39 -35.62 -8.79
C HIS H 41 8.09 -36.65 -7.89
N MET H 42 7.70 -37.90 -8.06
CA MET H 42 8.27 -38.97 -7.24
C MET H 42 9.74 -39.18 -7.55
N ASP H 43 10.08 -39.40 -8.81
CA ASP H 43 11.48 -39.51 -9.20
C ASP H 43 11.59 -39.25 -10.67
N GLU H 44 12.79 -39.47 -11.24
CA GLU H 44 13.07 -39.23 -12.69
C GLU H 44 11.93 -39.69 -13.61
N HIS H 45 11.26 -40.77 -13.28
CA HIS H 45 10.32 -41.36 -14.19
C HIS H 45 8.92 -41.58 -13.57
N ASN H 46 8.55 -40.82 -12.54
CA ASN H 46 7.27 -41.13 -11.91
C ASN H 46 6.57 -39.95 -11.25
N CYS H 47 5.37 -39.67 -11.72
CA CYS H 47 4.63 -38.60 -11.14
C CYS H 47 3.36 -39.14 -10.58
N LEU H 48 2.92 -38.52 -9.49
CA LEU H 48 1.67 -38.85 -8.89
C LEU H 48 0.84 -37.60 -8.99
N GLU H 49 -0.30 -37.70 -9.67
CA GLU H 49 -1.32 -36.64 -9.65
C GLU H 49 -2.55 -37.11 -8.86
N THR H 50 -2.99 -36.26 -7.95
CA THR H 50 -4.33 -36.37 -7.43
C THR H 50 -5.12 -35.33 -8.22
N ILE H 51 -6.24 -35.74 -8.80
CA ILE H 51 -7.06 -34.92 -9.63
C ILE H 51 -8.41 -34.92 -9.02
N ILE H 52 -8.77 -33.82 -8.38
CA ILE H 52 -10.11 -33.66 -7.85
C ILE H 52 -10.99 -33.20 -9.02
N LEU H 53 -12.10 -33.90 -9.26
CA LEU H 53 -12.96 -33.54 -10.38
C LEU H 53 -14.44 -33.70 -10.03
N GLN H 54 -15.30 -33.17 -10.90
CA GLN H 54 -16.74 -33.11 -10.68
C GLN H 54 -17.53 -33.30 -11.97
N GLY H 55 -18.63 -34.04 -11.88
CA GLY H 55 -19.53 -34.30 -13.04
C GLY H 55 -20.53 -35.42 -12.74
N ASN H 56 -21.21 -35.93 -13.76
CA ASN H 56 -22.09 -37.09 -13.60
C ASN H 56 -21.29 -38.39 -13.42
N SER H 57 -21.82 -39.32 -12.66
CA SER H 57 -21.05 -40.51 -12.27
C SER H 57 -20.63 -41.38 -13.44
N PHE H 58 -21.30 -41.24 -14.58
CA PHE H 58 -20.89 -41.97 -15.76
C PHE H 58 -19.67 -41.38 -16.39
N GLU H 59 -19.64 -40.06 -16.55
CA GLU H 59 -18.48 -39.45 -17.13
C GLU H 59 -17.23 -39.68 -16.29
N ILE H 60 -17.40 -39.80 -14.98
CA ILE H 60 -16.30 -40.07 -14.08
C ILE H 60 -15.83 -41.50 -14.29
N GLN H 61 -16.72 -42.47 -14.13
CA GLN H 61 -16.45 -43.87 -14.54
C GLN H 61 -15.64 -43.99 -15.83
N ARG H 62 -15.94 -43.10 -16.78
CA ARG H 62 -15.37 -43.17 -18.09
C ARG H 62 -13.97 -42.64 -18.09
N LEU H 63 -13.77 -41.53 -17.39
CA LEU H 63 -12.48 -40.84 -17.39
C LEU H 63 -11.41 -41.78 -16.82
N GLN H 64 -11.77 -42.55 -15.80
CA GLN H 64 -10.87 -43.57 -15.29
C GLN H 64 -10.59 -44.58 -16.40
N LEU H 65 -11.66 -45.07 -17.00
CA LEU H 65 -11.60 -46.06 -18.06
C LEU H 65 -10.63 -45.65 -19.13
N GLU H 66 -10.73 -44.38 -19.55
CA GLU H 66 -9.85 -43.80 -20.59
C GLU H 66 -8.41 -43.54 -20.15
N ILE H 67 -8.23 -42.89 -19.01
CA ILE H 67 -6.91 -42.56 -18.52
C ILE H 67 -6.12 -43.83 -18.19
N GLY H 68 -6.74 -44.76 -17.50
CA GLY H 68 -6.05 -45.94 -17.01
C GLY H 68 -5.33 -46.72 -18.10
N GLY H 69 -5.91 -46.77 -19.28
CA GLY H 69 -5.36 -47.59 -20.35
C GLY H 69 -4.20 -47.03 -21.14
N LEU H 70 -3.85 -45.77 -20.85
CA LEU H 70 -2.95 -45.00 -21.70
C LEU H 70 -1.51 -45.46 -21.55
N ARG H 71 -0.75 -45.44 -22.65
CA ARG H 71 0.69 -45.75 -22.62
C ARG H 71 1.38 -44.67 -21.75
N GLY H 72 2.12 -45.13 -20.75
CA GLY H 72 2.74 -44.25 -19.78
C GLY H 72 2.03 -44.14 -18.42
N VAL H 73 0.76 -44.49 -18.34
CA VAL H 73 0.06 -44.52 -17.05
C VAL H 73 0.31 -45.83 -16.39
N LYS H 74 0.92 -45.82 -15.20
CA LYS H 74 1.23 -47.03 -14.45
C LYS H 74 0.14 -47.42 -13.45
N PHE H 75 -0.61 -46.44 -12.97
CA PHE H 75 -1.61 -46.67 -11.94
C PHE H 75 -2.75 -45.66 -12.08
N ALA H 76 -3.98 -46.04 -11.76
CA ALA H 76 -5.06 -45.10 -11.80
C ALA H 76 -6.25 -45.64 -11.04
N LYS H 77 -6.49 -45.12 -9.83
CA LYS H 77 -7.68 -45.48 -9.06
C LYS H 77 -8.55 -44.25 -8.77
N LEU H 78 -9.86 -44.50 -8.84
CA LEU H 78 -10.87 -43.48 -8.73
C LEU H 78 -11.45 -43.63 -7.36
N THR H 79 -11.79 -42.54 -6.71
CA THR H 79 -12.45 -42.59 -5.42
C THR H 79 -13.68 -41.78 -5.51
N LYS H 80 -14.85 -42.39 -5.31
CA LYS H 80 -16.10 -41.66 -5.40
C LYS H 80 -16.39 -40.98 -4.08
N ALA H 81 -16.99 -39.79 -4.11
CA ALA H 81 -17.55 -39.19 -2.90
C ALA H 81 -19.08 -39.46 -2.80
N SER H 82 -19.41 -40.66 -2.28
CA SER H 82 -20.81 -41.16 -2.12
C SER H 82 -21.30 -41.08 -0.65
N LYS I 4 -17.06 25.53 -7.75
CA LYS I 4 -17.41 26.89 -8.20
C LYS I 4 -18.17 27.63 -7.08
N ILE I 5 -18.69 28.85 -7.35
CA ILE I 5 -18.92 29.95 -6.34
C ILE I 5 -19.81 29.63 -5.08
N ALA I 6 -19.45 30.18 -3.93
CA ALA I 6 -20.21 29.94 -2.68
C ALA I 6 -20.08 31.06 -1.65
N VAL I 7 -21.01 31.10 -0.72
CA VAL I 7 -20.97 32.05 0.38
C VAL I 7 -21.09 31.30 1.72
N LEU I 8 -20.22 31.58 2.66
CA LEU I 8 -20.29 30.96 3.96
C LEU I 8 -20.76 32.01 4.95
N VAL I 9 -21.95 31.84 5.54
CA VAL I 9 -22.46 32.85 6.52
C VAL I 9 -22.18 32.45 7.94
N VAL I 10 -21.25 33.14 8.56
CA VAL I 10 -20.79 32.78 9.89
C VAL I 10 -21.30 33.80 10.94
N ILE I 11 -21.80 33.27 12.06
CA ILE I 11 -22.04 34.06 13.26
C ILE I 11 -21.08 33.60 14.32
N TYR I 12 -20.28 34.49 14.86
CA TYR I 12 -19.31 34.15 15.91
C TYR I 12 -19.48 35.11 17.10
N ASP I 13 -18.59 34.94 18.09
CA ASP I 13 -18.71 35.63 19.37
C ASP I 13 -18.41 37.10 19.27
N HIS I 14 -17.16 37.55 19.24
CA HIS I 14 -16.85 39.03 19.33
C HIS I 14 -15.98 39.24 20.57
N HIS I 15 -16.49 38.74 21.70
CA HIS I 15 -15.78 38.74 22.98
C HIS I 15 -14.60 37.74 22.94
N GLN I 16 -14.70 36.71 22.08
CA GLN I 16 -13.63 35.71 21.93
C GLN I 16 -12.42 36.36 21.31
N ARG I 17 -11.24 35.99 21.79
CA ARG I 17 -10.01 36.67 21.40
C ARG I 17 -9.09 35.81 20.53
N GLU I 18 -8.35 36.49 19.66
CA GLU I 18 -7.62 35.88 18.58
C GLU I 18 -8.51 35.07 17.58
N LEU I 19 -9.83 35.25 17.59
CA LEU I 19 -10.72 34.48 16.70
C LEU I 19 -10.69 35.02 15.30
N ASN I 20 -10.81 36.34 15.16
CA ASN I 20 -10.69 37.00 13.84
C ASN I 20 -9.37 36.65 13.21
N GLN I 21 -8.32 36.85 13.98
CA GLN I 21 -7.00 36.49 13.52
C GLN I 21 -6.90 35.03 13.03
N ARG I 22 -7.48 34.08 13.77
CA ARG I 22 -7.54 32.63 13.34
C ARG I 22 -8.43 32.39 12.09
N MET I 23 -9.55 33.11 11.99
CA MET I 23 -10.32 33.03 10.75
C MET I 23 -9.46 33.54 9.56
N ILE I 24 -8.99 34.77 9.62
CA ILE I 24 -8.23 35.32 8.53
C ILE I 24 -7.12 34.38 8.17
N ASP I 25 -6.45 33.83 9.19
CA ASP I 25 -5.39 32.86 8.99
C ASP I 25 -5.97 31.72 8.14
N ILE I 26 -7.08 31.13 8.56
CA ILE I 26 -7.58 29.97 7.84
C ILE I 26 -7.79 30.23 6.34
N GLN I 27 -8.31 31.41 6.01
CA GLN I 27 -8.74 31.74 4.65
C GLN I 27 -7.56 31.95 3.70
N HIS I 28 -6.53 32.65 4.14
CA HIS I 28 -5.40 32.86 3.26
C HIS I 28 -4.84 31.50 3.00
N ALA I 29 -4.95 30.64 4.03
CA ALA I 29 -4.50 29.23 4.03
C ALA I 29 -5.31 28.39 3.08
N SER I 30 -6.62 28.55 3.11
CA SER I 30 -7.51 27.70 2.30
C SER I 30 -7.17 27.66 0.82
N GLY I 31 -7.35 26.46 0.25
CA GLY I 31 -7.17 26.23 -1.19
C GLY I 31 -8.27 26.86 -2.04
N THR I 32 -9.40 27.19 -1.42
CA THR I 32 -10.38 28.04 -2.06
C THR I 32 -9.77 29.43 -2.21
N HIS I 33 -10.34 30.19 -3.13
CA HIS I 33 -9.96 31.56 -3.34
C HIS I 33 -11.02 32.37 -2.68
N VAL I 34 -10.72 33.04 -1.58
CA VAL I 34 -11.73 33.84 -0.93
C VAL I 34 -11.77 35.28 -1.45
N LEU I 35 -12.82 35.57 -2.22
CA LEU I 35 -12.93 36.87 -2.92
C LEU I 35 -13.00 38.07 -1.96
N CYS I 36 -13.86 37.95 -0.95
CA CYS I 36 -13.96 38.94 0.15
C CYS I 36 -14.90 38.52 1.29
N THR I 37 -14.70 39.15 2.45
CA THR I 37 -15.55 38.92 3.61
C THR I 37 -16.01 40.26 4.18
N THR I 38 -17.30 40.32 4.51
CA THR I 38 -17.90 41.45 5.17
C THR I 38 -18.40 41.05 6.52
N HIS I 39 -18.23 41.92 7.49
CA HIS I 39 -18.67 41.71 8.85
C HIS I 39 -19.54 42.86 9.28
N ILE I 40 -20.61 42.57 9.99
CA ILE I 40 -21.31 43.62 10.70
C ILE I 40 -21.34 43.26 12.16
N HIS I 41 -21.80 44.23 12.97
CA HIS I 41 -22.16 43.99 14.37
C HIS I 41 -23.64 43.67 14.50
N MET I 42 -23.94 42.43 14.88
CA MET I 42 -25.32 41.93 15.03
C MET I 42 -25.92 42.60 16.25
N ASP I 43 -25.26 42.39 17.40
CA ASP I 43 -25.62 43.02 18.67
C ASP I 43 -24.34 43.27 19.51
N GLU I 44 -24.50 43.50 20.83
CA GLU I 44 -23.36 43.75 21.72
C GLU I 44 -22.44 42.54 21.79
N HIS I 45 -23.04 41.35 21.78
CA HIS I 45 -22.32 40.11 22.03
C HIS I 45 -21.98 39.27 20.77
N ASN I 46 -22.58 39.58 19.62
CA ASN I 46 -22.49 38.71 18.43
C ASN I 46 -22.11 39.43 17.16
N CYS I 47 -21.46 38.68 16.27
CA CYS I 47 -21.04 39.23 14.98
C CYS I 47 -21.51 38.36 13.79
N LEU I 48 -21.85 38.99 12.68
CA LEU I 48 -22.24 38.29 11.47
C LEU I 48 -21.26 38.56 10.32
N GLU I 49 -20.73 37.49 9.73
CA GLU I 49 -19.72 37.59 8.72
C GLU I 49 -20.13 36.74 7.56
N THR I 50 -19.98 37.26 6.37
CA THR I 50 -20.46 36.61 5.15
C THR I 50 -19.28 36.42 4.18
N ILE I 51 -18.77 35.22 4.04
CA ILE I 51 -17.55 35.03 3.25
C ILE I 51 -17.91 34.61 1.86
N ILE I 52 -17.35 35.29 0.85
CA ILE I 52 -17.59 34.91 -0.54
C ILE I 52 -16.33 34.32 -1.13
N LEU I 53 -16.45 33.12 -1.69
CA LEU I 53 -15.31 32.33 -2.08
C LEU I 53 -15.59 31.54 -3.34
N GLN I 54 -14.53 31.12 -4.01
CA GLN I 54 -14.65 30.28 -5.20
C GLN I 54 -13.82 29.04 -4.97
N GLY I 55 -14.21 27.89 -5.54
CA GLY I 55 -13.37 26.69 -5.46
C GLY I 55 -14.09 25.37 -5.66
N ASN I 56 -13.37 24.26 -5.48
CA ASN I 56 -14.00 22.92 -5.58
C ASN I 56 -14.67 22.49 -4.27
N SER I 57 -15.54 21.49 -4.38
CA SER I 57 -16.49 21.21 -3.31
C SER I 57 -15.82 20.67 -2.07
N PHE I 58 -14.64 20.09 -2.24
CA PHE I 58 -13.86 19.59 -1.12
C PHE I 58 -13.27 20.76 -0.33
N GLU I 59 -12.55 21.62 -1.02
CA GLU I 59 -11.90 22.77 -0.39
C GLU I 59 -12.86 23.71 0.36
N ILE I 60 -14.04 23.92 -0.22
CA ILE I 60 -15.13 24.65 0.44
C ILE I 60 -15.63 23.87 1.66
N GLN I 61 -16.06 22.63 1.48
CA GLN I 61 -16.54 21.81 2.60
C GLN I 61 -15.49 21.85 3.73
N ARG I 62 -14.20 21.73 3.39
CA ARG I 62 -13.18 21.73 4.41
C ARG I 62 -13.14 23.08 5.07
N LEU I 63 -13.03 24.16 4.29
CA LEU I 63 -13.05 25.53 4.88
C LEU I 63 -14.22 25.78 5.85
N GLN I 64 -15.36 25.15 5.60
CA GLN I 64 -16.53 25.34 6.47
C GLN I 64 -16.33 24.64 7.77
N LEU I 65 -15.89 23.39 7.72
CA LEU I 65 -15.74 22.61 8.95
C LEU I 65 -14.65 23.19 9.89
N GLU I 66 -13.56 23.66 9.27
CA GLU I 66 -12.50 24.43 9.90
C GLU I 66 -12.98 25.65 10.63
N ILE I 67 -13.78 26.49 9.97
CA ILE I 67 -14.22 27.73 10.58
C ILE I 67 -15.24 27.48 11.66
N GLY I 68 -16.15 26.56 11.36
CA GLY I 68 -17.23 26.21 12.27
C GLY I 68 -16.75 25.48 13.48
N GLY I 69 -15.59 24.84 13.32
CA GLY I 69 -14.84 24.25 14.43
C GLY I 69 -14.26 25.23 15.44
N LEU I 70 -13.89 26.42 14.99
CA LEU I 70 -13.30 27.39 15.89
C LEU I 70 -14.25 27.63 17.07
N ARG I 71 -13.65 27.81 18.27
CA ARG I 71 -14.37 28.13 19.51
C ARG I 71 -14.81 29.58 19.48
N GLY I 72 -16.10 29.81 19.72
CA GLY I 72 -16.65 31.14 19.55
C GLY I 72 -17.50 31.20 18.30
N VAL I 73 -17.13 30.47 17.24
CA VAL I 73 -17.99 30.39 16.05
C VAL I 73 -19.24 29.60 16.42
N LYS I 74 -20.34 30.33 16.54
CA LYS I 74 -21.63 29.78 16.93
C LYS I 74 -22.34 29.04 15.79
N PHE I 75 -21.90 29.25 14.54
CA PHE I 75 -22.73 28.95 13.37
C PHE I 75 -22.00 29.23 12.03
N ALA I 76 -21.94 28.23 11.15
CA ALA I 76 -21.30 28.43 9.84
C ALA I 76 -22.03 27.78 8.67
N LYS I 77 -23.17 28.36 8.26
CA LYS I 77 -23.96 27.85 7.15
C LYS I 77 -23.23 28.13 5.81
N LEU I 78 -23.57 27.36 4.78
CA LEU I 78 -22.93 27.47 3.47
C LEU I 78 -23.94 27.45 2.34
N THR I 79 -23.95 28.48 1.50
CA THR I 79 -24.72 28.46 0.24
C THR I 79 -23.79 28.16 -0.94
N LYS I 80 -24.23 27.33 -1.88
CA LYS I 80 -23.37 26.94 -2.97
C LYS I 80 -24.16 26.97 -4.27
N ALA I 81 -23.58 27.54 -5.32
CA ALA I 81 -24.22 27.68 -6.65
C ALA I 81 -23.36 27.07 -7.76
N SER I 82 -23.98 26.35 -8.68
CA SER I 82 -23.25 25.87 -9.85
C SER I 82 -23.82 26.40 -11.19
N LYS J 4 -36.19 38.15 13.33
CA LYS J 4 -35.07 37.26 12.84
C LYS J 4 -34.16 37.91 11.75
N ILE J 5 -32.98 37.33 11.52
CA ILE J 5 -32.04 37.81 10.52
C ILE J 5 -31.66 36.73 9.54
N ALA J 6 -31.49 37.12 8.28
CA ALA J 6 -31.04 36.18 7.28
C ALA J 6 -30.20 36.85 6.18
N VAL J 7 -29.41 36.03 5.51
CA VAL J 7 -28.65 36.48 4.38
C VAL J 7 -29.28 35.94 3.15
N LEU J 8 -29.37 36.72 2.07
CA LEU J 8 -29.94 36.24 0.78
C LEU J 8 -28.91 36.39 -0.35
N VAL J 9 -28.45 35.27 -0.86
CA VAL J 9 -27.40 35.29 -1.85
C VAL J 9 -28.07 35.22 -3.17
N VAL J 10 -27.78 36.20 -4.02
CA VAL J 10 -28.30 36.25 -5.40
C VAL J 10 -27.21 36.30 -6.47
N ILE J 11 -27.42 35.59 -7.57
CA ILE J 11 -26.61 35.84 -8.73
C ILE J 11 -27.50 36.24 -9.88
N TYR J 12 -27.22 37.41 -10.48
CA TYR J 12 -28.05 37.96 -11.53
C TYR J 12 -27.30 38.71 -12.60
N ASP J 13 -27.95 38.84 -13.76
CA ASP J 13 -27.40 39.53 -14.92
C ASP J 13 -27.75 41.01 -14.81
N HIS J 14 -26.75 41.88 -14.73
CA HIS J 14 -27.02 43.30 -14.49
C HIS J 14 -27.48 43.98 -15.73
N HIS J 15 -27.35 43.30 -16.87
CA HIS J 15 -27.83 43.81 -18.14
C HIS J 15 -29.34 43.67 -18.35
N GLN J 16 -30.02 42.78 -17.61
CA GLN J 16 -31.50 42.80 -17.56
C GLN J 16 -31.83 44.10 -16.83
N ARG J 17 -31.94 45.18 -17.59
CA ARG J 17 -32.27 46.49 -17.04
C ARG J 17 -33.67 46.38 -16.50
N GLU J 18 -33.98 47.28 -15.57
CA GLU J 18 -35.13 47.14 -14.71
C GLU J 18 -34.86 46.13 -13.57
N LEU J 19 -34.07 45.07 -13.79
CA LEU J 19 -33.88 44.08 -12.71
C LEU J 19 -33.46 44.74 -11.42
N ASN J 20 -32.35 45.46 -11.47
CA ASN J 20 -31.78 45.91 -10.22
C ASN J 20 -32.75 46.79 -9.48
N GLN J 21 -33.39 47.68 -10.23
CA GLN J 21 -34.34 48.58 -9.64
C GLN J 21 -35.59 47.85 -9.13
N ARG J 22 -36.00 46.78 -9.80
CA ARG J 22 -37.11 45.92 -9.34
C ARG J 22 -36.85 45.35 -7.94
N MET J 23 -35.68 44.78 -7.76
CA MET J 23 -35.32 44.16 -6.50
C MET J 23 -35.32 45.22 -5.40
N ILE J 24 -34.80 46.42 -5.70
CA ILE J 24 -34.77 47.53 -4.73
C ILE J 24 -36.19 47.83 -4.28
N ASP J 25 -37.09 47.80 -5.26
CA ASP J 25 -38.52 47.97 -5.03
C ASP J 25 -39.17 46.81 -4.29
N ILE J 26 -38.79 45.58 -4.65
CA ILE J 26 -39.34 44.45 -3.93
C ILE J 26 -38.92 44.60 -2.46
N GLN J 27 -37.64 44.86 -2.23
CA GLN J 27 -37.14 44.92 -0.86
C GLN J 27 -37.78 46.06 -0.06
N HIS J 28 -38.04 47.20 -0.71
CA HIS J 28 -38.66 48.28 0.02
C HIS J 28 -40.04 47.84 0.49
N ALA J 29 -40.87 47.45 -0.48
CA ALA J 29 -42.22 46.92 -0.19
C ALA J 29 -42.11 45.81 0.84
N SER J 30 -41.23 44.82 0.60
CA SER J 30 -41.14 43.64 1.46
C SER J 30 -41.56 43.86 2.92
N GLY J 31 -41.07 44.89 3.60
CA GLY J 31 -41.25 44.91 5.05
C GLY J 31 -40.32 43.93 5.75
N THR J 32 -39.21 43.68 5.07
CA THR J 32 -37.97 43.29 5.67
C THR J 32 -37.05 44.49 5.48
N HIS J 33 -36.26 44.81 6.49
CA HIS J 33 -35.27 45.90 6.38
C HIS J 33 -33.94 45.26 5.89
N VAL J 34 -33.34 45.81 4.83
CA VAL J 34 -32.02 45.35 4.41
C VAL J 34 -30.94 46.06 5.21
N LEU J 35 -30.33 45.34 6.15
CA LEU J 35 -29.28 45.88 7.03
C LEU J 35 -28.05 46.32 6.28
N CYS J 36 -27.55 45.45 5.41
CA CYS J 36 -26.48 45.87 4.52
C CYS J 36 -26.33 44.90 3.37
N THR J 37 -25.55 45.26 2.36
CA THR J 37 -25.40 44.37 1.21
C THR J 37 -24.06 44.46 0.50
N THR J 38 -23.54 43.30 0.10
CA THR J 38 -22.25 43.22 -0.61
C THR J 38 -22.42 42.65 -2.03
N HIS J 39 -21.87 43.37 -3.01
CA HIS J 39 -22.00 43.04 -4.40
C HIS J 39 -20.56 42.72 -4.88
N ILE J 40 -20.47 41.66 -5.67
CA ILE J 40 -19.26 41.29 -6.37
C ILE J 40 -19.56 41.26 -7.86
N HIS J 41 -18.76 41.93 -8.69
CA HIS J 41 -18.97 41.85 -10.13
C HIS J 41 -18.18 40.67 -10.65
N MET J 42 -18.84 39.54 -10.80
CA MET J 42 -18.15 38.33 -11.23
C MET J 42 -17.62 38.44 -12.65
N ASP J 43 -18.44 38.90 -13.58
CA ASP J 43 -17.99 39.13 -14.93
C ASP J 43 -18.90 40.10 -15.70
N GLU J 44 -18.68 40.24 -17.02
CA GLU J 44 -19.53 41.08 -17.89
C GLU J 44 -21.00 40.98 -17.49
N HIS J 45 -21.49 39.77 -17.18
CA HIS J 45 -22.91 39.54 -17.08
C HIS J 45 -23.37 38.99 -15.72
N ASN J 46 -22.55 39.00 -14.70
CA ASN J 46 -22.94 38.28 -13.49
C ASN J 46 -22.54 38.98 -12.20
N CYS J 47 -23.50 39.22 -11.36
CA CYS J 47 -23.21 39.81 -10.11
C CYS J 47 -23.66 38.82 -9.11
N LEU J 48 -22.96 38.83 -7.98
CA LEU J 48 -23.33 38.15 -6.76
C LEU J 48 -23.60 39.23 -5.70
N GLU J 49 -24.81 39.23 -5.18
CA GLU J 49 -25.07 40.04 -4.02
C GLU J 49 -25.30 39.09 -2.89
N THR J 50 -24.71 39.43 -1.73
CA THR J 50 -25.11 38.93 -0.42
C THR J 50 -25.82 40.06 0.32
N ILE J 51 -27.08 39.80 0.60
CA ILE J 51 -27.97 40.77 1.17
C ILE J 51 -28.28 40.32 2.58
N ILE J 52 -27.78 41.03 3.55
CA ILE J 52 -28.13 40.76 4.92
C ILE J 52 -29.38 41.52 5.31
N LEU J 53 -30.41 40.82 5.71
CA LEU J 53 -31.66 41.48 6.00
C LEU J 53 -32.28 40.99 7.29
N GLN J 54 -33.35 41.68 7.70
CA GLN J 54 -34.01 41.44 9.02
C GLN J 54 -35.54 41.71 8.99
N GLY J 55 -36.33 40.78 9.55
CA GLY J 55 -37.80 40.88 9.54
C GLY J 55 -38.49 39.59 9.91
N ASN J 56 -39.82 39.57 9.91
CA ASN J 56 -40.60 38.38 10.30
C ASN J 56 -40.42 37.25 9.30
N SER J 57 -40.31 36.01 9.79
CA SER J 57 -39.85 34.88 8.96
C SER J 57 -40.69 34.69 7.70
N PHE J 58 -41.93 35.15 7.75
CA PHE J 58 -42.78 35.08 6.59
C PHE J 58 -42.31 36.01 5.49
N GLU J 59 -42.07 37.26 5.85
CA GLU J 59 -41.62 38.26 4.88
C GLU J 59 -40.29 37.90 4.23
N ILE J 60 -39.42 37.27 5.01
CA ILE J 60 -38.17 36.74 4.51
C ILE J 60 -38.41 35.60 3.54
N GLN J 61 -39.14 34.56 3.95
CA GLN J 61 -39.65 33.50 3.04
C GLN J 61 -40.12 34.10 1.72
N ARG J 62 -40.87 35.20 1.84
CA ARG J 62 -41.51 35.80 0.71
C ARG J 62 -40.56 36.54 -0.19
N LEU J 63 -39.59 37.23 0.38
CA LEU J 63 -38.62 37.96 -0.45
C LEU J 63 -37.84 37.03 -1.38
N GLN J 64 -37.47 35.87 -0.88
CA GLN J 64 -36.83 34.88 -1.70
C GLN J 64 -37.73 34.50 -2.82
N LEU J 65 -38.93 34.16 -2.45
CA LEU J 65 -39.97 33.71 -3.40
C LEU J 65 -40.10 34.67 -4.56
N GLU J 66 -40.19 35.96 -4.24
CA GLU J 66 -40.32 37.03 -5.26
C GLU J 66 -39.03 37.26 -6.08
N ILE J 67 -37.90 37.39 -5.39
CA ILE J 67 -36.66 37.69 -6.06
C ILE J 67 -36.25 36.55 -6.95
N GLY J 68 -36.38 35.33 -6.45
CA GLY J 68 -35.85 34.15 -7.15
C GLY J 68 -36.44 33.96 -8.51
N GLY J 69 -37.68 34.39 -8.66
CA GLY J 69 -38.40 34.19 -9.90
C GLY J 69 -38.05 35.12 -11.02
N LEU J 70 -37.33 36.20 -10.74
CA LEU J 70 -37.28 37.34 -11.64
C LEU J 70 -36.46 37.03 -12.90
N ARG J 71 -36.85 37.69 -13.99
CA ARG J 71 -36.13 37.66 -15.28
C ARG J 71 -34.76 38.17 -14.90
N GLY J 72 -33.71 37.41 -15.24
CA GLY J 72 -32.36 37.88 -15.01
C GLY J 72 -31.70 37.36 -13.76
N VAL J 73 -32.52 36.89 -12.79
CA VAL J 73 -32.00 36.24 -11.59
C VAL J 73 -31.70 34.78 -11.93
N LYS J 74 -30.42 34.42 -11.81
CA LYS J 74 -29.95 33.07 -12.09
C LYS J 74 -29.94 32.17 -10.84
N PHE J 75 -29.74 32.78 -9.68
CA PHE J 75 -29.63 32.05 -8.42
C PHE J 75 -30.11 32.91 -7.22
N ALA J 76 -30.76 32.27 -6.24
CA ALA J 76 -31.22 33.01 -5.07
C ALA J 76 -31.53 32.12 -3.88
N LYS J 77 -30.55 31.90 -3.00
CA LYS J 77 -30.78 31.07 -1.82
C LYS J 77 -30.80 31.90 -0.55
N LEU J 78 -31.61 31.44 0.40
CA LEU J 78 -31.84 32.15 1.65
C LEU J 78 -31.14 31.40 2.76
N THR J 79 -30.57 32.10 3.74
CA THR J 79 -29.95 31.46 4.90
C THR J 79 -30.46 32.05 6.18
N LYS J 80 -31.20 31.26 6.93
CA LYS J 80 -31.82 31.72 8.14
C LYS J 80 -30.77 31.76 9.24
N ALA J 81 -30.81 32.79 10.08
CA ALA J 81 -30.07 32.80 11.33
C ALA J 81 -31.14 32.31 12.33
N SER J 82 -31.53 31.06 12.05
CA SER J 82 -32.77 30.39 12.45
C SER J 82 -33.24 30.67 13.89
#